data_9G6X
#
_entry.id   9G6X
#
_cell.length_a   1.00
_cell.length_b   1.00
_cell.length_c   1.00
_cell.angle_alpha   90.00
_cell.angle_beta   90.00
_cell.angle_gamma   90.00
#
_symmetry.space_group_name_H-M   'P 1'
#
loop_
_entity.id
_entity.type
_entity.pdbx_description
1 polymer 'Protein tweety homolog 2'
2 polymer 'sybody 1'
3 branched 2-acetamido-2-deoxy-beta-D-glucopyranose-(1-4)-2-acetamido-2-deoxy-beta-D-glucopyranose
4 non-polymer 2-acetamido-2-deoxy-beta-D-glucopyranose
#
loop_
_entity_poly.entity_id
_entity_poly.type
_entity_poly.pdbx_seq_one_letter_code
_entity_poly.pdbx_strand_id
1 'polypeptide(L)'
;MSQAARVDYIAPWWVVWLHSVPHVGLRLQPVNSTFSPGDESYQESLLFLGLVAAVCLGLNLIFLVAYLVCACHCRRDDAV
QTKQHHSCCITWTAVVAGLICCAAVGVGFYGNSETNDGAYQLMYSLDDANHTFSGIDALVSGTTQKMKVDLEQHLARLSE
IFAARGDYLQTLKFIQQMAGSVVVQLSGLPVWREVTMELTKLSDQTGYVEYYRWLSYLLLFILDLVICLIACLGLAKRSK
CLLASMLCCGALSLLLSWASLAADGSAAVATSDFCVAPDTFILNVTEGQISTEVTRYYLYCSQSGSSPFQQTLTTFQRAL
TTMQIQVAGLLQFAVPLFSTAEEDLLAIQLLLNSSESSLHQLTAMVDCRGLHKDYLDALAGICYDGLQGLLYLGLFSFLA
ALAFSTMICAGPRAWKHFTTRNRDYDDIDDDDPFNPQAWRMAAHSPPRGQLHSFCSYSSGLGSQTSLQPPAQTISNAPVS
EYMNQAMLFGRNPRYENVPLIGRASPPPTYSPSMRATYLSVADEHLRHYGNQFPAALEVLFQGPQGTEQKLISEEDLRGA
SMDEKTTGWRGGHVVEGLAGELEQLRARLEHHPQGQREP
;
A,B
2 'polypeptide(L)'
;SQVQLVESGGGLVQAGGSLRLSCTASGFPVAFAQMKWYRQAPGKEREWVAAIWSMGNETTYADSVKGRFTISRDNAKNTV
YLQMNSLKPEDTAVYYCAVEVGYGYHGQGTQVTVSAGRAGEQKLISEEDLNSAVDHHHHHH
;
C
#
# COMPACT_ATOMS: atom_id res chain seq x y z
N VAL A 7 0.94 -0.94 -11.66
CA VAL A 7 0.31 0.37 -11.79
C VAL A 7 1.33 1.39 -12.29
N ASP A 8 0.84 2.39 -13.02
CA ASP A 8 1.68 3.43 -13.56
C ASP A 8 0.89 4.73 -13.60
N TYR A 9 1.62 5.85 -13.63
CA TYR A 9 1.00 7.17 -13.70
C TYR A 9 1.17 7.72 -15.11
N ILE A 10 0.06 8.12 -15.72
CA ILE A 10 0.06 8.84 -16.98
C ILE A 10 -0.95 9.97 -16.86
N ALA A 11 -0.70 11.07 -17.55
CA ALA A 11 -1.57 12.22 -17.45
C ALA A 11 -2.86 11.96 -18.22
N PRO A 12 -4.02 12.01 -17.57
CA PRO A 12 -5.28 11.88 -18.30
C PRO A 12 -5.56 13.13 -19.13
N TRP A 13 -6.55 13.00 -20.01
CA TRP A 13 -6.75 13.98 -21.08
C TRP A 13 -7.04 15.37 -20.52
N TRP A 14 -7.84 15.46 -19.45
CA TRP A 14 -8.23 16.75 -18.90
C TRP A 14 -7.03 17.55 -18.39
N VAL A 15 -6.02 16.88 -17.82
CA VAL A 15 -4.82 17.59 -17.40
C VAL A 15 -4.11 18.20 -18.60
N VAL A 16 -3.99 17.44 -19.68
CA VAL A 16 -3.34 17.95 -20.89
C VAL A 16 -4.12 19.13 -21.46
N TRP A 17 -5.45 19.02 -21.48
CA TRP A 17 -6.28 20.10 -22.01
C TRP A 17 -6.13 21.36 -21.18
N LEU A 18 -6.16 21.23 -19.84
CA LEU A 18 -6.06 22.41 -18.98
C LEU A 18 -4.66 23.00 -18.99
N HIS A 19 -3.63 22.16 -19.08
CA HIS A 19 -2.26 22.65 -19.08
C HIS A 19 -1.97 23.46 -20.33
N SER A 20 -2.57 23.07 -21.46
CA SER A 20 -2.36 23.80 -22.71
C SER A 20 -3.02 25.17 -22.70
N VAL A 21 -3.85 25.47 -21.72
CA VAL A 21 -4.44 26.81 -21.62
C VAL A 21 -3.32 27.83 -21.43
N PRO A 22 -3.32 28.94 -22.16
CA PRO A 22 -2.21 29.89 -22.06
C PRO A 22 -2.07 30.46 -20.64
N HIS A 23 -0.83 30.66 -20.24
CA HIS A 23 -0.50 31.29 -18.96
C HIS A 23 0.46 32.43 -19.26
N VAL A 24 -0.03 33.66 -19.18
CA VAL A 24 0.76 34.84 -19.44
C VAL A 24 0.59 35.81 -18.27
N GLY A 25 1.54 36.74 -18.15
CA GLY A 25 1.52 37.72 -17.09
C GLY A 25 0.58 38.87 -17.40
N LEU A 26 0.62 39.88 -16.53
CA LEU A 26 -0.21 41.07 -16.73
C LEU A 26 0.16 41.79 -18.03
N ARG A 27 1.41 41.69 -18.44
CA ARG A 27 1.87 42.25 -19.70
C ARG A 27 1.69 41.28 -20.87
N LEU A 28 0.97 40.18 -20.65
CA LEU A 28 0.67 39.17 -21.67
C LEU A 28 1.91 38.40 -22.10
N GLN A 29 3.06 38.64 -21.47
CA GLN A 29 4.28 37.97 -21.87
C GLN A 29 4.19 36.47 -21.57
N PRO A 30 4.59 35.61 -22.49
CA PRO A 30 4.61 34.17 -22.21
C PRO A 30 5.64 33.86 -21.12
N VAL A 31 5.27 32.97 -20.21
CA VAL A 31 6.12 32.57 -19.09
C VAL A 31 6.22 31.05 -19.08
N ASN A 32 7.38 30.54 -18.68
CA ASN A 32 7.58 29.11 -18.51
C ASN A 32 6.44 28.49 -17.72
N SER A 33 5.79 27.50 -18.32
CA SER A 33 4.60 26.90 -17.73
C SER A 33 4.90 25.84 -16.69
N THR A 34 6.18 25.53 -16.44
CA THR A 34 6.53 24.55 -15.44
C THR A 34 6.09 25.03 -14.06
N PHE A 35 5.56 24.09 -13.27
CA PHE A 35 5.06 24.44 -11.94
C PHE A 35 6.17 24.95 -11.06
N SER A 36 6.00 26.16 -10.53
CA SER A 36 6.99 26.78 -9.64
C SER A 36 6.32 27.90 -8.86
N PRO A 37 5.61 27.58 -7.78
CA PRO A 37 4.88 28.63 -7.04
C PRO A 37 5.78 29.70 -6.44
N GLY A 38 7.06 29.39 -6.20
CA GLY A 38 7.96 30.41 -5.67
C GLY A 38 8.17 31.57 -6.62
N ASP A 39 8.16 31.30 -7.92
CA ASP A 39 8.37 32.36 -8.91
C ASP A 39 7.24 33.36 -8.86
N GLU A 40 7.59 34.64 -8.91
CA GLU A 40 6.57 35.69 -8.99
C GLU A 40 5.88 35.68 -10.33
N SER A 41 6.60 35.31 -11.39
CA SER A 41 6.03 35.34 -12.73
C SER A 41 4.89 34.34 -12.88
N TYR A 42 5.06 33.12 -12.34
CA TYR A 42 3.99 32.13 -12.38
C TYR A 42 2.78 32.59 -11.61
N GLN A 43 3.00 33.18 -10.43
CA GLN A 43 1.89 33.74 -9.66
C GLN A 43 1.13 34.78 -10.48
N GLU A 44 1.85 35.76 -11.04
CA GLU A 44 1.20 36.77 -11.86
C GLU A 44 0.48 36.13 -13.04
N SER A 45 1.01 35.03 -13.57
CA SER A 45 0.33 34.34 -14.66
C SER A 45 -1.02 33.81 -14.22
N LEU A 46 -1.10 33.24 -13.01
CA LEU A 46 -2.40 32.72 -12.57
C LEU A 46 -3.36 33.85 -12.16
N LEU A 47 -2.85 34.92 -11.54
CA LEU A 47 -3.71 36.07 -11.31
C LEU A 47 -4.14 36.74 -12.62
N PHE A 48 -3.43 36.49 -13.71
CA PHE A 48 -3.93 36.96 -15.00
C PHE A 48 -5.27 36.31 -15.35
N LEU A 49 -5.35 34.98 -15.17
CA LEU A 49 -6.63 34.30 -15.41
C LEU A 49 -7.67 34.73 -14.37
N GLY A 50 -7.22 34.98 -13.14
CA GLY A 50 -8.15 35.51 -12.14
C GLY A 50 -8.76 36.83 -12.56
N LEU A 51 -7.94 37.74 -13.08
CA LEU A 51 -8.44 39.03 -13.53
C LEU A 51 -9.27 38.89 -14.81
N VAL A 52 -8.96 37.91 -15.65
CA VAL A 52 -9.81 37.65 -16.81
C VAL A 52 -11.21 37.22 -16.36
N ALA A 53 -11.26 36.35 -15.35
CA ALA A 53 -12.55 35.96 -14.79
C ALA A 53 -13.28 37.15 -14.18
N ALA A 54 -12.55 38.02 -13.48
CA ALA A 54 -13.16 39.23 -12.96
C ALA A 54 -13.70 40.12 -14.08
N VAL A 55 -12.97 40.19 -15.19
CA VAL A 55 -13.37 41.02 -16.33
C VAL A 55 -14.67 40.50 -16.93
N CYS A 56 -14.76 39.17 -17.12
CA CYS A 56 -15.99 38.64 -17.69
C CYS A 56 -17.15 38.75 -16.70
N LEU A 57 -16.85 38.70 -15.40
CA LEU A 57 -17.87 38.99 -14.39
C LEU A 57 -18.40 40.41 -14.55
N GLY A 58 -17.50 41.37 -14.72
CA GLY A 58 -17.93 42.76 -14.91
C GLY A 58 -18.73 42.93 -16.18
N LEU A 59 -18.32 42.25 -17.25
CA LEU A 59 -19.07 42.31 -18.50
C LEU A 59 -20.46 41.74 -18.31
N ASN A 60 -20.58 40.64 -17.57
CA ASN A 60 -21.89 40.03 -17.36
C ASN A 60 -22.80 40.96 -16.55
N LEU A 61 -22.24 41.61 -15.51
CA LEU A 61 -23.03 42.58 -14.76
C LEU A 61 -23.44 43.76 -15.62
N ILE A 62 -22.56 44.22 -16.50
CA ILE A 62 -22.92 45.30 -17.42
C ILE A 62 -24.08 44.86 -18.30
N PHE A 63 -24.04 43.62 -18.78
CA PHE A 63 -25.14 43.11 -19.58
C PHE A 63 -26.44 43.11 -18.79
N LEU A 64 -26.39 42.66 -17.53
CA LEU A 64 -27.60 42.66 -16.72
C LEU A 64 -28.15 44.07 -16.53
N VAL A 65 -27.30 45.03 -16.17
CA VAL A 65 -27.82 46.37 -15.88
C VAL A 65 -28.37 47.00 -17.16
N ALA A 66 -27.68 46.81 -18.29
CA ALA A 66 -28.18 47.36 -19.55
C ALA A 66 -29.52 46.74 -19.93
N TYR A 67 -29.64 45.41 -19.84
CA TYR A 67 -30.89 44.76 -20.21
C TYR A 67 -32.01 45.16 -19.26
N LEU A 68 -31.72 45.27 -17.96
CA LEU A 68 -32.73 45.66 -17.00
C LEU A 68 -33.24 47.07 -17.28
N VAL A 69 -32.33 48.01 -17.53
CA VAL A 69 -32.75 49.38 -17.81
C VAL A 69 -33.50 49.45 -19.13
N CYS A 70 -33.12 48.64 -20.12
CA CYS A 70 -33.83 48.63 -21.39
C CYS A 70 -35.24 48.10 -21.22
N ALA A 71 -35.40 47.03 -20.44
CA ALA A 71 -36.73 46.46 -20.23
C ALA A 71 -37.60 47.40 -19.40
N CYS A 72 -37.03 48.04 -18.38
CA CYS A 72 -37.81 48.92 -17.52
C CYS A 72 -38.23 50.18 -18.27
N HIS A 73 -37.31 50.79 -19.01
CA HIS A 73 -37.65 52.01 -19.75
C HIS A 73 -38.61 51.73 -20.90
N CYS A 74 -38.43 50.60 -21.58
CA CYS A 74 -39.32 50.23 -22.68
C CYS A 74 -40.44 49.31 -22.18
N CYS A 89 -41.90 31.16 -22.61
CA CYS A 89 -41.98 32.62 -22.52
C CYS A 89 -41.28 33.12 -21.26
N ILE A 90 -41.84 34.16 -20.65
CA ILE A 90 -41.16 34.82 -19.54
C ILE A 90 -41.26 33.98 -18.26
N THR A 91 -42.47 33.56 -17.89
CA THR A 91 -42.63 32.77 -16.68
C THR A 91 -42.01 31.39 -16.84
N TRP A 92 -42.12 30.81 -18.04
CA TRP A 92 -41.43 29.55 -18.31
C TRP A 92 -39.94 29.69 -18.14
N THR A 93 -39.35 30.80 -18.63
CA THR A 93 -37.93 31.01 -18.45
C THR A 93 -37.57 31.23 -16.99
N ALA A 94 -38.46 31.84 -16.21
CA ALA A 94 -38.20 31.99 -14.77
C ALA A 94 -38.18 30.62 -14.08
N VAL A 95 -39.15 29.77 -14.39
CA VAL A 95 -39.16 28.42 -13.83
C VAL A 95 -37.92 27.65 -14.27
N VAL A 96 -37.53 27.82 -15.53
CA VAL A 96 -36.31 27.18 -16.03
C VAL A 96 -35.10 27.69 -15.27
N ALA A 97 -35.05 29.00 -14.97
CA ALA A 97 -33.95 29.55 -14.19
C ALA A 97 -33.87 28.89 -12.82
N GLY A 98 -35.01 28.74 -12.16
CA GLY A 98 -35.02 28.02 -10.89
C GLY A 98 -34.52 26.60 -11.03
N LEU A 99 -34.94 25.91 -12.09
CA LEU A 99 -34.53 24.52 -12.28
C LEU A 99 -33.03 24.39 -12.52
N ILE A 100 -32.47 25.25 -13.38
CA ILE A 100 -31.02 25.20 -13.60
C ILE A 100 -30.27 25.63 -12.35
N CYS A 101 -30.86 26.51 -11.54
CA CYS A 101 -30.23 26.84 -10.26
C CYS A 101 -30.15 25.62 -9.36
N CYS A 102 -31.24 24.86 -9.26
CA CYS A 102 -31.23 23.65 -8.45
C CYS A 102 -30.24 22.63 -8.99
N ALA A 103 -30.20 22.48 -10.32
CA ALA A 103 -29.24 21.57 -10.93
C ALA A 103 -27.81 22.01 -10.65
N ALA A 104 -27.57 23.32 -10.64
CA ALA A 104 -26.26 23.84 -10.29
C ALA A 104 -25.90 23.48 -8.85
N VAL A 105 -26.85 23.63 -7.92
CA VAL A 105 -26.57 23.24 -6.54
C VAL A 105 -26.21 21.76 -6.46
N GLY A 106 -26.93 20.92 -7.20
CA GLY A 106 -26.63 19.49 -7.17
C GLY A 106 -25.25 19.18 -7.72
N VAL A 107 -24.92 19.75 -8.88
CA VAL A 107 -23.62 19.52 -9.50
C VAL A 107 -22.50 20.03 -8.61
N GLY A 108 -22.73 21.19 -7.98
CA GLY A 108 -21.73 21.72 -7.06
C GLY A 108 -21.56 20.86 -5.83
N PHE A 109 -22.67 20.29 -5.33
CA PHE A 109 -22.56 19.35 -4.22
C PHE A 109 -21.67 18.17 -4.59
N TYR A 110 -21.91 17.60 -5.78
CA TYR A 110 -21.08 16.47 -6.20
C TYR A 110 -19.62 16.88 -6.38
N GLY A 111 -19.39 18.06 -6.97
CA GLY A 111 -18.02 18.50 -7.21
C GLY A 111 -17.28 18.80 -5.91
N ASN A 112 -17.95 19.45 -4.97
CA ASN A 112 -17.35 19.71 -3.67
C ASN A 112 -17.05 18.42 -2.92
N SER A 113 -17.97 17.45 -3.02
CA SER A 113 -17.71 16.16 -2.38
C SER A 113 -16.50 15.48 -3.00
N GLU A 114 -16.37 15.52 -4.32
CA GLU A 114 -15.20 14.91 -4.97
C GLU A 114 -13.92 15.65 -4.60
N THR A 115 -13.96 16.98 -4.53
CA THR A 115 -12.76 17.72 -4.16
C THR A 115 -12.36 17.40 -2.73
N ASN A 116 -13.35 17.28 -1.83
CA ASN A 116 -13.05 16.89 -0.45
C ASN A 116 -12.46 15.49 -0.41
N ASP A 117 -12.98 14.57 -1.24
CA ASP A 117 -12.43 13.23 -1.29
C ASP A 117 -10.97 13.27 -1.74
N GLY A 118 -10.67 14.09 -2.75
CA GLY A 118 -9.29 14.21 -3.20
C GLY A 118 -8.38 14.79 -2.13
N ALA A 119 -8.84 15.83 -1.44
CA ALA A 119 -8.03 16.41 -0.37
C ALA A 119 -7.78 15.42 0.75
N TYR A 120 -8.81 14.67 1.15
CA TYR A 120 -8.63 13.67 2.20
C TYR A 120 -7.75 12.52 1.74
N GLN A 121 -7.81 12.16 0.46
CA GLN A 121 -6.89 11.16 -0.06
C GLN A 121 -5.45 11.64 0.00
N LEU A 122 -5.22 12.91 -0.34
CA LEU A 122 -3.88 13.47 -0.23
C LEU A 122 -3.41 13.48 1.22
N MET A 123 -4.28 13.87 2.15
CA MET A 123 -3.89 13.88 3.55
C MET A 123 -3.59 12.48 4.05
N TYR A 124 -4.40 11.49 3.65
CA TYR A 124 -4.15 10.12 4.06
C TYR A 124 -2.84 9.59 3.51
N SER A 125 -2.54 9.89 2.24
CA SER A 125 -1.28 9.44 1.66
C SER A 125 -0.10 10.11 2.34
N LEU A 126 -0.21 11.41 2.62
CA LEU A 126 0.86 12.10 3.33
C LEU A 126 1.06 11.54 4.73
N ASP A 127 -0.04 11.19 5.41
CA ASP A 127 0.07 10.59 6.73
C ASP A 127 0.71 9.22 6.67
N ASP A 128 0.38 8.43 5.65
CA ASP A 128 1.01 7.13 5.49
C ASP A 128 2.51 7.27 5.23
N ALA A 129 2.88 8.23 4.39
CA ALA A 129 4.30 8.50 4.17
C ALA A 129 4.98 8.95 5.45
N ASN A 130 4.30 9.79 6.23
CA ASN A 130 4.86 10.24 7.51
C ASN A 130 5.09 9.06 8.44
N HIS A 131 4.11 8.16 8.55
CA HIS A 131 4.25 7.01 9.41
C HIS A 131 5.38 6.10 8.95
N THR A 132 5.48 5.85 7.64
CA THR A 132 6.54 4.99 7.14
C THR A 132 7.93 5.61 7.29
N PHE A 133 8.04 6.94 7.16
CA PHE A 133 9.33 7.58 7.36
C PHE A 133 9.72 7.64 8.83
N SER A 134 8.76 7.93 9.70
CA SER A 134 9.03 7.92 11.12
C SER A 134 9.40 6.53 11.61
N GLY A 135 8.79 5.49 11.04
CA GLY A 135 9.18 4.14 11.37
C GLY A 135 10.63 3.86 11.00
N ILE A 136 11.04 4.29 9.80
CA ILE A 136 12.41 4.09 9.38
C ILE A 136 13.37 4.82 10.31
N ASP A 137 13.05 6.07 10.63
CA ASP A 137 13.95 6.86 11.50
C ASP A 137 14.00 6.27 12.90
N ALA A 138 12.86 5.84 13.43
CA ALA A 138 12.84 5.24 14.77
C ALA A 138 13.65 3.95 14.78
N LEU A 139 13.51 3.12 13.76
CA LEU A 139 14.30 1.89 13.68
C LEU A 139 15.79 2.22 13.59
N VAL A 140 16.15 3.21 12.77
CA VAL A 140 17.55 3.59 12.64
C VAL A 140 18.11 4.01 14.00
N SER A 141 17.41 4.93 14.68
CA SER A 141 17.91 5.44 15.95
C SER A 141 17.96 4.34 17.00
N GLY A 142 16.91 3.51 17.08
CA GLY A 142 16.89 2.46 18.07
C GLY A 142 17.97 1.42 17.84
N THR A 143 18.16 0.98 16.59
CA THR A 143 19.20 0.01 16.31
C THR A 143 20.58 0.57 16.56
N THR A 144 20.83 1.83 16.14
CA THR A 144 22.14 2.41 16.39
C THR A 144 22.43 2.51 17.87
N GLN A 145 21.50 3.08 18.64
CA GLN A 145 21.71 3.22 20.08
C GLN A 145 21.87 1.85 20.73
N LYS A 146 20.94 0.93 20.48
CA LYS A 146 21.01 -0.41 21.03
C LYS A 146 22.37 -1.02 20.75
N MET A 147 22.71 -1.20 19.48
CA MET A 147 23.97 -1.83 19.10
C MET A 147 25.13 -1.12 19.78
N LYS A 148 25.38 0.14 19.42
CA LYS A 148 26.57 0.81 19.94
C LYS A 148 26.63 0.77 21.46
N VAL A 149 25.68 1.43 22.12
CA VAL A 149 25.76 1.59 23.57
C VAL A 149 25.67 0.25 24.28
N ASP A 150 24.56 -0.47 24.10
CA ASP A 150 24.33 -1.67 24.90
C ASP A 150 25.33 -2.77 24.55
N LEU A 151 25.61 -2.97 23.27
CA LEU A 151 26.60 -3.96 22.89
C LEU A 151 27.98 -3.62 23.43
N GLU A 152 28.38 -2.35 23.42
CA GLU A 152 29.67 -1.99 23.98
C GLU A 152 29.71 -2.22 25.48
N GLN A 153 28.63 -1.91 26.19
CA GLN A 153 28.60 -2.16 27.63
C GLN A 153 28.70 -3.64 27.94
N HIS A 154 27.87 -4.45 27.27
CA HIS A 154 27.94 -5.89 27.47
C HIS A 154 29.31 -6.44 27.09
N LEU A 155 29.86 -5.98 25.97
CA LEU A 155 31.14 -6.47 25.51
C LEU A 155 32.25 -6.09 26.47
N ALA A 156 32.15 -4.91 27.09
CA ALA A 156 33.10 -4.56 28.15
C ALA A 156 32.97 -5.52 29.32
N ARG A 157 31.74 -5.89 29.68
CA ARG A 157 31.57 -6.87 30.75
C ARG A 157 32.21 -8.22 30.38
N LEU A 158 31.98 -8.69 29.15
CA LEU A 158 32.59 -9.95 28.72
C LEU A 158 34.11 -9.86 28.73
N SER A 159 34.66 -8.76 28.22
CA SER A 159 36.12 -8.58 28.26
C SER A 159 36.62 -8.56 29.70
N GLU A 160 35.81 -8.04 30.62
CA GLU A 160 36.17 -8.08 32.03
C GLU A 160 36.25 -9.52 32.55
N ILE A 161 35.27 -10.35 32.18
CA ILE A 161 35.25 -11.70 32.74
C ILE A 161 36.12 -12.63 31.90
N PHE A 162 36.11 -12.47 30.58
CA PHE A 162 36.90 -13.31 29.69
C PHE A 162 38.38 -12.98 29.70
N ALA A 163 38.85 -12.19 30.66
CA ALA A 163 40.24 -11.74 30.67
C ALA A 163 41.19 -12.93 30.77
N ALA A 164 42.40 -12.74 30.22
CA ALA A 164 43.46 -13.73 30.17
C ALA A 164 43.10 -14.95 29.32
N ARG A 165 42.04 -14.87 28.51
CA ARG A 165 41.67 -15.93 27.58
C ARG A 165 41.69 -15.38 26.17
N GLY A 166 42.84 -15.52 25.50
CA GLY A 166 43.14 -14.78 24.29
C GLY A 166 42.08 -14.80 23.19
N ASP A 167 41.85 -15.97 22.61
CA ASP A 167 40.95 -16.08 21.47
C ASP A 167 39.58 -15.49 21.77
N TYR A 168 39.12 -15.57 23.01
CA TYR A 168 37.83 -15.00 23.36
C TYR A 168 37.86 -13.48 23.29
N LEU A 169 38.94 -12.85 23.76
CA LEU A 169 39.05 -11.39 23.58
C LEU A 169 39.20 -11.02 22.12
N GLN A 170 39.88 -11.85 21.33
CA GLN A 170 39.96 -11.55 19.90
C GLN A 170 38.59 -11.60 19.24
N THR A 171 37.78 -12.62 19.56
CA THR A 171 36.42 -12.68 19.02
C THR A 171 35.58 -11.52 19.53
N LEU A 172 35.80 -11.10 20.77
CA LEU A 172 35.09 -9.94 21.30
C LEU A 172 35.45 -8.68 20.54
N LYS A 173 36.73 -8.50 20.23
CA LYS A 173 37.14 -7.36 19.40
C LYS A 173 36.55 -7.47 18.01
N PHE A 174 36.43 -8.69 17.49
CA PHE A 174 35.84 -8.90 16.17
C PHE A 174 34.38 -8.46 16.15
N ILE A 175 33.61 -8.86 17.15
CA ILE A 175 32.21 -8.47 17.18
C ILE A 175 32.08 -6.97 17.44
N GLN A 176 33.00 -6.38 18.21
CA GLN A 176 33.00 -4.93 18.35
C GLN A 176 33.23 -4.23 17.02
N GLN A 177 34.19 -4.74 16.23
CA GLN A 177 34.46 -4.16 14.92
C GLN A 177 33.26 -4.31 14.00
N MET A 178 32.61 -5.47 14.03
CA MET A 178 31.42 -5.65 13.22
C MET A 178 30.29 -4.72 13.67
N ALA A 179 30.23 -4.44 14.98
CA ALA A 179 29.25 -3.46 15.46
C ALA A 179 29.55 -2.08 14.93
N GLY A 180 30.83 -1.70 14.90
CA GLY A 180 31.20 -0.44 14.30
C GLY A 180 30.81 -0.36 12.84
N SER A 181 31.03 -1.46 12.11
CA SER A 181 30.64 -1.51 10.70
C SER A 181 29.13 -1.36 10.54
N VAL A 182 28.36 -2.03 11.41
CA VAL A 182 26.91 -1.91 11.37
C VAL A 182 26.50 -0.45 11.63
N VAL A 183 27.12 0.18 12.63
CA VAL A 183 26.78 1.56 12.95
C VAL A 183 27.06 2.48 11.77
N VAL A 184 28.21 2.29 11.12
CA VAL A 184 28.58 3.14 10.00
C VAL A 184 27.60 2.94 8.84
N GLN A 185 27.38 1.68 8.44
CA GLN A 185 26.52 1.40 7.31
C GLN A 185 25.06 1.70 7.60
N LEU A 186 24.68 1.84 8.87
CA LEU A 186 23.31 2.16 9.21
C LEU A 186 23.12 3.68 9.29
N SER A 187 24.10 4.40 9.82
CA SER A 187 24.06 5.85 9.77
C SER A 187 24.16 6.36 8.33
N GLY A 188 24.78 5.57 7.44
CA GLY A 188 24.81 5.94 6.04
C GLY A 188 23.48 5.72 5.35
N LEU A 189 22.39 6.15 6.00
CA LEU A 189 21.05 6.02 5.49
C LEU A 189 20.39 7.38 5.65
N PRO A 190 19.45 7.75 4.79
CA PRO A 190 18.79 9.05 4.95
C PRO A 190 18.08 9.18 6.28
N VAL A 191 18.13 10.38 6.85
CA VAL A 191 17.47 10.69 8.11
C VAL A 191 16.34 11.66 7.79
N TRP A 192 15.11 11.18 7.89
CA TRP A 192 13.95 11.98 7.50
C TRP A 192 13.34 12.69 8.71
N ARG A 193 14.14 13.55 9.34
CA ARG A 193 13.59 14.43 10.36
C ARG A 193 12.93 15.63 9.71
N GLU A 194 13.66 16.35 8.87
CA GLU A 194 13.10 17.52 8.20
C GLU A 194 12.01 17.10 7.22
N VAL A 195 12.15 15.93 6.58
CA VAL A 195 11.10 15.45 5.69
C VAL A 195 9.84 15.14 6.49
N THR A 196 9.98 14.53 7.66
CA THR A 196 8.83 14.29 8.52
C THR A 196 8.17 15.61 8.93
N MET A 197 8.98 16.61 9.28
CA MET A 197 8.40 17.89 9.66
C MET A 197 7.67 18.55 8.50
N GLU A 198 8.24 18.47 7.30
CA GLU A 198 7.59 19.03 6.12
C GLU A 198 6.27 18.33 5.84
N LEU A 199 6.25 17.00 5.94
CA LEU A 199 5.02 16.27 5.71
C LEU A 199 3.96 16.62 6.75
N THR A 200 4.37 16.75 8.02
CA THR A 200 3.41 17.13 9.05
C THR A 200 2.84 18.52 8.80
N LYS A 201 3.71 19.48 8.44
CA LYS A 201 3.24 20.83 8.18
C LYS A 201 2.28 20.85 7.00
N LEU A 202 2.60 20.12 5.94
CA LEU A 202 1.72 20.05 4.79
C LEU A 202 0.38 19.44 5.16
N SER A 203 0.39 18.38 5.99
CA SER A 203 -0.86 17.75 6.39
C SER A 203 -1.72 18.69 7.22
N ASP A 204 -1.12 19.40 8.18
CA ASP A 204 -1.90 20.33 8.99
C ASP A 204 -2.46 21.48 8.16
N GLN A 205 -1.64 22.05 7.26
CA GLN A 205 -2.12 23.14 6.43
C GLN A 205 -3.24 22.67 5.51
N THR A 206 -3.09 21.48 4.92
CA THR A 206 -4.15 20.93 4.09
C THR A 206 -5.42 20.72 4.91
N GLY A 207 -5.29 20.20 6.13
CA GLY A 207 -6.47 20.00 6.96
C GLY A 207 -7.19 21.30 7.26
N TYR A 208 -6.44 22.33 7.68
CA TYR A 208 -7.06 23.61 8.00
C TYR A 208 -7.76 24.20 6.78
N VAL A 209 -7.03 24.31 5.66
CA VAL A 209 -7.58 24.97 4.47
C VAL A 209 -8.75 24.18 3.94
N GLU A 210 -8.62 22.86 3.86
CA GLU A 210 -9.68 22.01 3.34
C GLU A 210 -10.93 22.09 4.20
N TYR A 211 -10.80 22.02 5.53
CA TYR A 211 -11.97 22.09 6.39
C TYR A 211 -12.68 23.44 6.27
N TYR A 212 -11.91 24.54 6.31
CA TYR A 212 -12.53 25.84 6.20
C TYR A 212 -13.17 26.03 4.83
N ARG A 213 -12.52 25.54 3.77
CA ARG A 213 -13.06 25.68 2.42
C ARG A 213 -14.33 24.86 2.26
N TRP A 214 -14.35 23.65 2.81
CA TRP A 214 -15.56 22.82 2.73
C TRP A 214 -16.70 23.48 3.49
N LEU A 215 -16.41 24.05 4.66
CA LEU A 215 -17.45 24.80 5.37
C LEU A 215 -17.97 25.95 4.54
N SER A 216 -17.07 26.71 3.90
CA SER A 216 -17.48 27.86 3.11
C SER A 216 -18.34 27.42 1.92
N TYR A 217 -17.93 26.36 1.22
CA TYR A 217 -18.69 25.93 0.06
C TYR A 217 -20.02 25.31 0.46
N LEU A 218 -20.07 24.59 1.58
CA LEU A 218 -21.34 24.07 2.07
C LEU A 218 -22.29 25.20 2.41
N LEU A 219 -21.77 26.25 3.06
CA LEU A 219 -22.59 27.43 3.34
C LEU A 219 -23.08 28.07 2.05
N LEU A 220 -22.21 28.16 1.04
CA LEU A 220 -22.61 28.74 -0.24
C LEU A 220 -23.72 27.92 -0.90
N PHE A 221 -23.59 26.59 -0.88
CA PHE A 221 -24.62 25.74 -1.49
C PHE A 221 -25.94 25.88 -0.73
N ILE A 222 -25.87 25.92 0.60
CA ILE A 222 -27.07 26.09 1.40
C ILE A 222 -27.76 27.41 1.07
N LEU A 223 -26.98 28.49 0.99
CA LEU A 223 -27.56 29.79 0.65
C LEU A 223 -28.14 29.77 -0.76
N ASP A 224 -27.46 29.13 -1.70
CA ASP A 224 -27.97 29.06 -3.07
C ASP A 224 -29.32 28.36 -3.12
N LEU A 225 -29.40 27.17 -2.52
CA LEU A 225 -30.67 26.44 -2.50
C LEU A 225 -31.74 27.23 -1.78
N VAL A 226 -31.39 27.85 -0.66
CA VAL A 226 -32.35 28.61 0.13
C VAL A 226 -32.92 29.76 -0.69
N ILE A 227 -32.04 30.55 -1.32
CA ILE A 227 -32.51 31.72 -2.04
C ILE A 227 -33.32 31.31 -3.27
N CYS A 228 -32.91 30.23 -3.94
CA CYS A 228 -33.67 29.75 -5.09
C CYS A 228 -35.08 29.34 -4.67
N LEU A 229 -35.18 28.50 -3.64
CA LEU A 229 -36.49 28.02 -3.21
C LEU A 229 -37.37 29.16 -2.70
N ILE A 230 -36.81 30.08 -1.92
CA ILE A 230 -37.62 31.15 -1.36
C ILE A 230 -37.96 32.21 -2.40
N ALA A 231 -37.15 32.36 -3.45
CA ALA A 231 -37.51 33.26 -4.53
C ALA A 231 -38.61 32.67 -5.40
N CYS A 232 -38.55 31.36 -5.64
CA CYS A 232 -39.67 30.69 -6.30
C CYS A 232 -40.92 30.70 -5.44
N LEU A 233 -40.76 30.73 -4.11
CA LEU A 233 -41.91 30.79 -3.22
C LEU A 233 -42.72 32.06 -3.44
N GLY A 234 -42.04 33.20 -3.59
CA GLY A 234 -42.75 34.43 -3.88
C GLY A 234 -43.48 34.40 -5.21
N LEU A 235 -42.80 33.89 -6.25
CA LEU A 235 -43.43 33.78 -7.56
C LEU A 235 -44.64 32.85 -7.52
N ALA A 236 -44.59 31.83 -6.66
CA ALA A 236 -45.67 30.85 -6.62
C ALA A 236 -47.00 31.47 -6.21
N LYS A 237 -47.09 31.98 -4.99
CA LYS A 237 -48.35 32.48 -4.46
C LYS A 237 -48.08 33.34 -3.23
N ARG A 238 -49.14 33.67 -2.49
CA ARG A 238 -49.10 34.37 -1.20
C ARG A 238 -48.43 35.73 -1.42
N SER A 239 -47.48 36.14 -0.58
CA SER A 239 -46.91 37.48 -0.64
C SER A 239 -45.92 37.58 -1.79
N LYS A 240 -45.83 38.79 -2.37
CA LYS A 240 -44.94 39.05 -3.49
C LYS A 240 -43.88 40.09 -3.16
N CYS A 241 -43.91 40.68 -1.96
CA CYS A 241 -42.92 41.67 -1.57
C CYS A 241 -41.54 41.08 -1.34
N LEU A 242 -41.43 39.74 -1.29
CA LEU A 242 -40.13 39.11 -1.05
C LEU A 242 -39.14 39.39 -2.17
N LEU A 243 -39.64 39.63 -3.39
CA LEU A 243 -38.77 39.60 -4.56
C LEU A 243 -37.67 40.66 -4.52
N ALA A 244 -37.85 41.75 -3.78
CA ALA A 244 -36.79 42.75 -3.68
C ALA A 244 -35.57 42.18 -2.94
N SER A 245 -35.80 41.62 -1.75
CA SER A 245 -34.71 40.97 -1.03
C SER A 245 -34.20 39.76 -1.78
N MET A 246 -35.08 39.07 -2.51
CA MET A 246 -34.65 37.93 -3.30
C MET A 246 -33.68 38.36 -4.38
N LEU A 247 -33.98 39.50 -5.04
CA LEU A 247 -33.09 40.08 -6.03
C LEU A 247 -31.77 40.49 -5.42
N CYS A 248 -31.80 41.12 -4.25
CA CYS A 248 -30.55 41.53 -3.60
C CYS A 248 -29.67 40.33 -3.29
N CYS A 249 -30.25 39.30 -2.68
CA CYS A 249 -29.49 38.09 -2.37
C CYS A 249 -29.03 37.37 -3.64
N GLY A 250 -29.84 37.41 -4.69
CA GLY A 250 -29.41 36.81 -5.94
C GLY A 250 -28.22 37.51 -6.55
N ALA A 251 -28.20 38.85 -6.50
CA ALA A 251 -27.04 39.59 -6.99
C ALA A 251 -25.80 39.29 -6.16
N LEU A 252 -25.96 39.24 -4.84
CA LEU A 252 -24.82 38.92 -3.98
C LEU A 252 -24.27 37.53 -4.30
N SER A 253 -25.15 36.54 -4.41
CA SER A 253 -24.70 35.19 -4.72
C SER A 253 -24.16 35.10 -6.15
N LEU A 254 -24.64 35.96 -7.06
CA LEU A 254 -24.12 35.96 -8.42
C LEU A 254 -22.68 36.43 -8.45
N LEU A 255 -22.39 37.54 -7.79
CA LEU A 255 -21.01 38.00 -7.74
C LEU A 255 -20.13 37.01 -6.97
N LEU A 256 -20.68 36.40 -5.91
CA LEU A 256 -19.91 35.40 -5.18
C LEU A 256 -19.61 34.19 -6.06
N SER A 257 -20.56 33.79 -6.90
CA SER A 257 -20.34 32.65 -7.80
C SER A 257 -19.31 32.99 -8.86
N TRP A 258 -19.30 34.24 -9.34
CA TRP A 258 -18.25 34.65 -10.27
C TRP A 258 -16.89 34.58 -9.61
N ALA A 259 -16.77 35.06 -8.37
CA ALA A 259 -15.51 34.95 -7.65
C ALA A 259 -15.12 33.50 -7.43
N SER A 260 -16.11 32.64 -7.16
CA SER A 260 -15.85 31.22 -6.98
C SER A 260 -15.32 30.60 -8.26
N LEU A 261 -15.89 30.97 -9.41
CA LEU A 261 -15.38 30.45 -10.67
C LEU A 261 -13.96 30.93 -10.91
N ALA A 262 -13.67 32.19 -10.59
CA ALA A 262 -12.31 32.69 -10.72
C ALA A 262 -11.33 31.86 -9.90
N ALA A 263 -11.65 31.67 -8.62
CA ALA A 263 -10.74 30.91 -7.75
C ALA A 263 -10.61 29.47 -8.21
N ASP A 264 -11.72 28.84 -8.60
CA ASP A 264 -11.68 27.45 -9.05
C ASP A 264 -10.86 27.31 -10.31
N GLY A 265 -11.01 28.23 -11.26
CA GLY A 265 -10.21 28.17 -12.47
C GLY A 265 -8.73 28.34 -12.20
N SER A 266 -8.38 29.30 -11.33
CA SER A 266 -6.98 29.50 -10.99
C SER A 266 -6.40 28.24 -10.34
N ALA A 267 -7.12 27.67 -9.37
CA ALA A 267 -6.63 26.48 -8.68
C ALA A 267 -6.54 25.29 -9.63
N ALA A 268 -7.52 25.14 -10.53
CA ALA A 268 -7.48 24.04 -11.48
C ALA A 268 -6.30 24.18 -12.44
N VAL A 269 -6.03 25.39 -12.91
CA VAL A 269 -4.88 25.59 -13.79
C VAL A 269 -3.58 25.26 -13.06
N ALA A 270 -3.45 25.74 -11.82
CA ALA A 270 -2.23 25.45 -11.06
C ALA A 270 -2.07 23.96 -10.82
N THR A 271 -3.14 23.28 -10.43
CA THR A 271 -3.05 21.85 -10.14
C THR A 271 -2.74 21.05 -11.41
N SER A 272 -3.31 21.46 -12.54
CA SER A 272 -3.00 20.78 -13.79
C SER A 272 -1.55 20.99 -14.19
N ASP A 273 -1.04 22.21 -14.02
CA ASP A 273 0.37 22.45 -14.33
C ASP A 273 1.28 21.66 -13.41
N PHE A 274 0.83 21.40 -12.18
CA PHE A 274 1.57 20.48 -11.32
C PHE A 274 1.48 19.06 -11.82
N CYS A 275 0.28 18.62 -12.21
CA CYS A 275 0.02 17.21 -12.50
C CYS A 275 0.58 16.76 -13.84
N VAL A 276 0.81 17.69 -14.77
CA VAL A 276 1.37 17.28 -16.06
C VAL A 276 2.77 16.70 -15.88
N ALA A 277 3.59 17.34 -15.06
CA ALA A 277 4.94 16.86 -14.75
C ALA A 277 5.16 16.91 -13.25
N PRO A 278 4.53 15.99 -12.51
CA PRO A 278 4.66 16.01 -11.05
C PRO A 278 5.99 15.45 -10.57
N ASP A 279 6.49 14.42 -11.27
CA ASP A 279 7.74 13.80 -10.87
C ASP A 279 8.91 14.78 -10.95
N THR A 280 8.97 15.55 -12.03
CA THR A 280 10.05 16.53 -12.17
C THR A 280 9.98 17.59 -11.10
N PHE A 281 8.78 18.09 -10.80
CA PHE A 281 8.63 19.10 -9.76
C PHE A 281 9.06 18.56 -8.41
N ILE A 282 8.61 17.35 -8.06
CA ILE A 282 8.97 16.78 -6.77
C ILE A 282 10.48 16.54 -6.70
N LEU A 283 11.07 16.04 -7.78
CA LEU A 283 12.49 15.76 -7.84
C LEU A 283 13.33 17.02 -7.79
N ASN A 284 12.81 18.16 -8.25
CA ASN A 284 13.59 19.39 -8.24
C ASN A 284 13.19 20.28 -7.06
N VAL A 285 12.27 19.80 -6.22
CA VAL A 285 11.99 20.49 -4.96
C VAL A 285 12.88 19.91 -3.88
N THR A 286 12.82 18.58 -3.70
CA THR A 286 13.68 17.89 -2.74
C THR A 286 15.03 17.65 -3.40
N GLU A 287 15.83 18.73 -3.47
CA GLU A 287 17.15 18.66 -4.09
C GLU A 287 18.27 18.60 -3.08
N GLY A 288 18.17 19.33 -1.97
CA GLY A 288 19.21 19.32 -0.97
C GLY A 288 18.82 18.54 0.27
N GLN A 289 17.54 18.61 0.64
CA GLN A 289 17.07 17.89 1.82
C GLN A 289 17.14 16.39 1.62
N ILE A 290 16.84 15.93 0.41
CA ILE A 290 16.80 14.51 0.08
C ILE A 290 17.79 14.25 -1.04
N SER A 291 18.41 13.07 -0.98
CA SER A 291 19.33 12.68 -2.04
C SER A 291 18.56 12.44 -3.33
N THR A 292 19.27 12.56 -4.46
CA THR A 292 18.62 12.39 -5.76
C THR A 292 18.30 10.93 -6.05
N GLU A 293 19.22 10.01 -5.69
CA GLU A 293 18.98 8.60 -5.97
C GLU A 293 17.76 8.09 -5.22
N VAL A 294 17.59 8.50 -3.96
CA VAL A 294 16.47 8.02 -3.16
C VAL A 294 15.14 8.49 -3.75
N THR A 295 15.07 9.77 -4.13
CA THR A 295 13.84 10.29 -4.69
C THR A 295 13.53 9.67 -6.03
N ARG A 296 14.54 9.51 -6.89
CA ARG A 296 14.31 8.83 -8.16
C ARG A 296 13.93 7.37 -7.96
N TYR A 297 14.36 6.78 -6.85
CA TYR A 297 14.00 5.41 -6.54
C TYR A 297 12.54 5.30 -6.11
N TYR A 298 12.09 6.24 -5.28
CA TYR A 298 10.71 6.18 -4.80
C TYR A 298 9.71 6.59 -5.88
N LEU A 299 10.02 7.63 -6.65
CA LEU A 299 9.07 8.09 -7.67
C LEU A 299 8.94 7.07 -8.78
N TYR A 300 10.06 6.60 -9.31
CA TYR A 300 10.09 5.53 -10.31
C TYR A 300 10.64 4.28 -9.64
N CYS A 301 9.77 3.32 -9.33
CA CYS A 301 10.22 2.08 -8.72
C CYS A 301 11.14 1.35 -9.69
N SER A 302 12.29 0.90 -9.18
CA SER A 302 13.30 0.23 -10.01
C SER A 302 13.13 -1.29 -9.90
N GLN A 303 12.02 -1.77 -10.47
CA GLN A 303 11.80 -3.21 -10.52
C GLN A 303 12.88 -3.90 -11.34
N SER A 304 13.24 -3.32 -12.49
CA SER A 304 14.37 -3.81 -13.26
C SER A 304 15.69 -3.39 -12.64
N GLY A 305 15.75 -2.22 -12.02
CA GLY A 305 16.98 -1.70 -11.46
C GLY A 305 17.27 -2.25 -10.08
N SER A 306 18.30 -1.69 -9.46
CA SER A 306 18.76 -2.09 -8.14
C SER A 306 18.43 -1.01 -7.12
N SER A 307 17.94 -1.44 -5.97
CA SER A 307 17.59 -0.50 -4.91
C SER A 307 18.84 0.17 -4.37
N PRO A 308 18.85 1.50 -4.24
CA PRO A 308 20.05 2.16 -3.68
C PRO A 308 20.39 1.71 -2.27
N PHE A 309 19.40 1.38 -1.45
CA PHE A 309 19.67 0.93 -0.09
C PHE A 309 20.24 -0.49 -0.03
N GLN A 310 20.30 -1.19 -1.17
CA GLN A 310 20.60 -2.61 -1.14
C GLN A 310 21.97 -2.91 -0.53
N GLN A 311 22.98 -2.10 -0.86
CA GLN A 311 24.32 -2.37 -0.34
C GLN A 311 24.37 -2.23 1.18
N THR A 312 23.76 -1.17 1.71
CA THR A 312 23.79 -0.96 3.16
C THR A 312 23.05 -2.08 3.89
N LEU A 313 21.88 -2.47 3.38
CA LEU A 313 21.14 -3.56 4.01
C LEU A 313 21.89 -4.88 3.90
N THR A 314 22.56 -5.11 2.78
CA THR A 314 23.36 -6.33 2.62
C THR A 314 24.49 -6.38 3.63
N THR A 315 25.22 -5.26 3.80
CA THR A 315 26.28 -5.24 4.80
C THR A 315 25.71 -5.43 6.20
N PHE A 316 24.56 -4.81 6.48
CA PHE A 316 23.90 -4.97 7.76
C PHE A 316 23.60 -6.44 8.04
N GLN A 317 22.95 -7.12 7.10
CA GLN A 317 22.55 -8.50 7.32
C GLN A 317 23.75 -9.44 7.36
N ARG A 318 24.77 -9.19 6.55
CA ARG A 318 25.98 -10.00 6.61
C ARG A 318 26.67 -9.86 7.96
N ALA A 319 26.79 -8.64 8.46
CA ALA A 319 27.38 -8.43 9.77
C ALA A 319 26.56 -9.10 10.86
N LEU A 320 25.23 -8.98 10.79
CA LEU A 320 24.39 -9.62 11.81
C LEU A 320 24.53 -11.13 11.79
N THR A 321 24.61 -11.73 10.60
CA THR A 321 24.81 -13.17 10.53
C THR A 321 26.16 -13.57 11.13
N THR A 322 27.20 -12.78 10.86
CA THR A 322 28.51 -13.08 11.45
C THR A 322 28.46 -12.97 12.98
N MET A 323 27.80 -11.92 13.50
CA MET A 323 27.62 -11.82 14.94
C MET A 323 26.90 -13.04 15.50
N GLN A 324 25.83 -13.47 14.84
CA GLN A 324 25.07 -14.60 15.35
C GLN A 324 25.90 -15.86 15.36
N ILE A 325 26.68 -16.08 14.31
CA ILE A 325 27.55 -17.26 14.26
C ILE A 325 28.54 -17.23 15.43
N GLN A 326 29.22 -16.08 15.60
CA GLN A 326 30.23 -16.00 16.66
C GLN A 326 29.62 -16.16 18.03
N VAL A 327 28.47 -15.53 18.28
CA VAL A 327 27.86 -15.58 19.60
C VAL A 327 27.31 -16.97 19.90
N ALA A 328 26.71 -17.62 18.90
CA ALA A 328 26.22 -18.98 19.11
C ALA A 328 27.38 -19.92 19.42
N GLY A 329 28.47 -19.79 18.67
CA GLY A 329 29.64 -20.61 18.97
C GLY A 329 30.18 -20.34 20.37
N LEU A 330 30.20 -19.06 20.77
CA LEU A 330 30.66 -18.71 22.11
C LEU A 330 29.77 -19.35 23.17
N LEU A 331 28.46 -19.31 22.97
CA LEU A 331 27.55 -19.97 23.91
C LEU A 331 27.84 -21.46 23.99
N GLN A 332 28.12 -22.09 22.84
CA GLN A 332 28.31 -23.54 22.85
C GLN A 332 29.72 -23.93 23.27
N PHE A 333 30.71 -23.05 23.08
CA PHE A 333 32.10 -23.36 23.41
C PHE A 333 32.67 -22.49 24.53
N ALA A 334 31.85 -22.02 25.48
CA ALA A 334 32.38 -21.31 26.63
C ALA A 334 31.74 -21.69 27.95
N VAL A 335 30.75 -22.57 27.95
CA VAL A 335 30.16 -23.04 29.21
C VAL A 335 31.18 -23.79 30.07
N PRO A 336 31.94 -24.76 29.54
CA PRO A 336 32.86 -25.48 30.44
C PRO A 336 34.03 -24.64 30.92
N LEU A 337 34.60 -23.80 30.05
CA LEU A 337 35.80 -23.07 30.42
C LEU A 337 35.53 -21.99 31.46
N PHE A 338 34.37 -21.34 31.41
CA PHE A 338 34.07 -20.26 32.33
C PHE A 338 32.86 -20.54 33.20
N SER A 339 31.77 -21.05 32.63
CA SER A 339 30.54 -21.38 33.35
C SER A 339 29.85 -20.12 33.84
N THR A 340 30.46 -18.96 33.61
CA THR A 340 29.90 -17.68 33.94
C THR A 340 29.85 -16.82 32.68
N ALA A 341 29.23 -15.64 32.81
CA ALA A 341 28.99 -14.71 31.73
C ALA A 341 28.02 -15.26 30.70
N GLU A 342 27.48 -16.46 30.91
CA GLU A 342 26.43 -16.96 30.02
C GLU A 342 25.10 -16.30 30.34
N GLU A 343 24.98 -15.66 31.50
CA GLU A 343 23.73 -14.98 31.84
C GLU A 343 23.55 -13.71 31.02
N ASP A 344 24.64 -13.10 30.58
CA ASP A 344 24.56 -11.96 29.67
C ASP A 344 24.94 -12.32 28.25
N LEU A 345 25.49 -13.50 28.02
CA LEU A 345 25.67 -13.95 26.64
C LEU A 345 24.33 -14.31 26.01
N LEU A 346 23.43 -14.93 26.80
CA LEU A 346 22.06 -15.07 26.34
C LEU A 346 21.44 -13.71 26.09
N ALA A 347 21.80 -12.71 26.91
CA ALA A 347 21.25 -11.37 26.72
C ALA A 347 21.75 -10.74 25.42
N ILE A 348 23.04 -10.91 25.11
CA ILE A 348 23.57 -10.34 23.87
C ILE A 348 22.96 -11.05 22.67
N GLN A 349 22.73 -12.36 22.77
CA GLN A 349 22.05 -13.06 21.68
C GLN A 349 20.61 -12.56 21.53
N LEU A 350 19.92 -12.32 22.64
CA LEU A 350 18.57 -11.78 22.57
C LEU A 350 18.58 -10.40 21.91
N LEU A 351 19.57 -9.58 22.26
CA LEU A 351 19.73 -8.28 21.63
C LEU A 351 19.93 -8.42 20.13
N LEU A 352 20.77 -9.38 19.72
CA LEU A 352 21.05 -9.59 18.31
C LEU A 352 19.81 -10.06 17.55
N ASN A 353 19.01 -10.93 18.14
CA ASN A 353 17.83 -11.42 17.43
C ASN A 353 16.71 -10.38 17.41
N SER A 354 16.61 -9.55 18.45
CA SER A 354 15.73 -8.39 18.38
C SER A 354 16.18 -7.44 17.27
N SER A 355 17.49 -7.23 17.14
CA SER A 355 18.00 -6.43 16.05
C SER A 355 17.75 -7.08 14.70
N GLU A 356 17.71 -8.42 14.66
CA GLU A 356 17.35 -9.11 13.42
C GLU A 356 15.91 -8.80 13.03
N SER A 357 15.01 -8.84 14.01
CA SER A 357 13.63 -8.44 13.75
C SER A 357 13.56 -6.99 13.29
N SER A 358 14.36 -6.13 13.90
CA SER A 358 14.42 -4.74 13.48
C SER A 358 14.92 -4.60 12.04
N LEU A 359 15.90 -5.42 11.66
CA LEU A 359 16.41 -5.38 10.30
C LEU A 359 15.35 -5.82 9.30
N HIS A 360 14.60 -6.88 9.63
CA HIS A 360 13.52 -7.31 8.75
C HIS A 360 12.50 -6.20 8.57
N GLN A 361 12.11 -5.56 9.68
CA GLN A 361 11.17 -4.45 9.57
C GLN A 361 11.76 -3.31 8.73
N LEU A 362 13.03 -2.97 8.95
CA LEU A 362 13.64 -1.86 8.24
C LEU A 362 13.67 -2.12 6.74
N THR A 363 14.10 -3.31 6.33
CA THR A 363 14.11 -3.61 4.90
C THR A 363 12.70 -3.78 4.35
N ALA A 364 11.71 -3.95 5.22
CA ALA A 364 10.33 -3.92 4.78
C ALA A 364 9.76 -2.51 4.67
N MET A 365 10.39 -1.53 5.32
CA MET A 365 9.89 -0.15 5.23
C MET A 365 10.58 0.67 4.14
N VAL A 366 11.84 0.36 3.81
CA VAL A 366 12.58 1.18 2.87
C VAL A 366 12.32 0.72 1.44
N ASP A 367 11.44 -0.27 1.28
CA ASP A 367 11.16 -0.81 -0.04
C ASP A 367 10.46 0.24 -0.90
N CYS A 368 10.71 0.17 -2.21
CA CYS A 368 10.16 1.16 -3.13
C CYS A 368 8.64 1.09 -3.16
N ARG A 369 8.07 -0.11 -3.07
CA ARG A 369 6.62 -0.25 -3.19
C ARG A 369 5.88 0.50 -2.09
N GLY A 370 6.37 0.45 -0.86
CA GLY A 370 5.67 1.07 0.25
C GLY A 370 5.43 2.56 0.09
N LEU A 371 6.50 3.32 -0.16
CA LEU A 371 6.33 4.76 -0.36
C LEU A 371 5.79 5.08 -1.74
N HIS A 372 6.11 4.26 -2.75
CA HIS A 372 5.66 4.51 -4.10
C HIS A 372 4.15 4.40 -4.22
N LYS A 373 3.56 3.44 -3.50
CA LYS A 373 2.10 3.32 -3.50
C LYS A 373 1.46 4.55 -2.88
N ASP A 374 2.02 5.05 -1.77
CA ASP A 374 1.50 6.26 -1.16
C ASP A 374 1.62 7.45 -2.10
N TYR A 375 2.77 7.59 -2.77
CA TYR A 375 2.96 8.71 -3.69
C TYR A 375 2.01 8.62 -4.87
N LEU A 376 1.85 7.42 -5.44
CA LEU A 376 0.93 7.26 -6.56
C LEU A 376 -0.51 7.51 -6.13
N ASP A 377 -0.87 7.08 -4.91
CA ASP A 377 -2.20 7.36 -4.41
C ASP A 377 -2.43 8.85 -4.21
N ALA A 378 -1.43 9.56 -3.69
CA ALA A 378 -1.54 11.00 -3.55
C ALA A 378 -1.67 11.67 -4.90
N LEU A 379 -0.90 11.21 -5.88
CA LEU A 379 -0.97 11.79 -7.22
C LEU A 379 -2.33 11.56 -7.86
N ALA A 380 -2.82 10.32 -7.79
CA ALA A 380 -4.14 10.01 -8.33
C ALA A 380 -5.21 10.83 -7.63
N GLY A 381 -5.17 10.86 -6.29
CA GLY A 381 -6.07 11.68 -5.52
C GLY A 381 -6.08 13.10 -6.00
N ILE A 382 -4.94 13.80 -5.87
CA ILE A 382 -4.89 15.21 -6.26
C ILE A 382 -5.39 15.39 -7.68
N CYS A 383 -4.67 14.82 -8.66
CA CYS A 383 -5.02 15.08 -10.04
C CYS A 383 -6.47 14.68 -10.30
N TYR A 384 -6.75 13.37 -10.30
CA TYR A 384 -8.07 12.90 -10.71
C TYR A 384 -9.14 13.55 -9.86
N ASP A 385 -9.21 13.20 -8.57
CA ASP A 385 -10.38 13.60 -7.80
C ASP A 385 -10.41 15.11 -7.58
N GLY A 386 -9.28 15.68 -7.13
CA GLY A 386 -9.29 17.09 -6.81
C GLY A 386 -9.59 17.96 -8.01
N LEU A 387 -8.92 17.73 -9.14
CA LEU A 387 -9.15 18.64 -10.25
C LEU A 387 -10.45 18.37 -10.97
N GLN A 388 -10.98 17.13 -10.97
CA GLN A 388 -12.33 16.96 -11.51
C GLN A 388 -13.35 17.65 -10.63
N GLY A 389 -13.17 17.57 -9.30
CA GLY A 389 -14.01 18.37 -8.43
C GLY A 389 -13.88 19.85 -8.72
N LEU A 390 -12.67 20.27 -9.11
CA LEU A 390 -12.44 21.68 -9.41
C LEU A 390 -13.18 22.13 -10.66
N LEU A 391 -13.05 21.40 -11.78
CA LEU A 391 -13.81 21.82 -12.95
C LEU A 391 -15.30 21.62 -12.76
N TYR A 392 -15.70 20.65 -11.93
CA TYR A 392 -17.13 20.51 -11.66
C TYR A 392 -17.64 21.68 -10.82
N LEU A 393 -16.82 22.20 -9.90
CA LEU A 393 -17.20 23.40 -9.18
C LEU A 393 -17.22 24.61 -10.11
N GLY A 394 -16.30 24.66 -11.07
CA GLY A 394 -16.34 25.72 -12.07
C GLY A 394 -17.59 25.65 -12.93
N LEU A 395 -17.99 24.44 -13.31
CA LEU A 395 -19.23 24.25 -14.06
C LEU A 395 -20.42 24.65 -13.21
N PHE A 396 -20.40 24.31 -11.92
CA PHE A 396 -21.44 24.78 -11.01
C PHE A 396 -21.50 26.30 -10.98
N SER A 397 -20.34 26.94 -10.92
CA SER A 397 -20.30 28.39 -10.91
C SER A 397 -20.87 28.96 -12.20
N PHE A 398 -20.57 28.32 -13.32
CA PHE A 398 -21.07 28.78 -14.61
C PHE A 398 -22.60 28.67 -14.68
N LEU A 399 -23.14 27.50 -14.32
CA LEU A 399 -24.59 27.34 -14.34
C LEU A 399 -25.27 28.26 -13.33
N ALA A 400 -24.65 28.43 -12.15
CA ALA A 400 -25.20 29.33 -11.15
C ALA A 400 -25.23 30.76 -11.66
N ALA A 401 -24.15 31.19 -12.34
CA ALA A 401 -24.12 32.53 -12.91
C ALA A 401 -25.19 32.68 -13.98
N LEU A 402 -25.36 31.66 -14.83
CA LEU A 402 -26.38 31.73 -15.88
C LEU A 402 -27.77 31.85 -15.27
N ALA A 403 -28.12 30.95 -14.35
CA ALA A 403 -29.44 30.97 -13.75
C ALA A 403 -29.67 32.25 -12.96
N PHE A 404 -28.66 32.70 -12.22
CA PHE A 404 -28.77 33.93 -11.45
C PHE A 404 -29.00 35.12 -12.37
N SER A 405 -28.24 35.20 -13.47
CA SER A 405 -28.42 36.30 -14.42
C SER A 405 -29.82 36.29 -15.00
N THR A 406 -30.31 35.11 -15.39
CA THR A 406 -31.66 35.03 -15.95
C THR A 406 -32.72 35.44 -14.93
N MET A 407 -32.58 34.98 -13.68
CA MET A 407 -33.62 35.27 -12.70
C MET A 407 -33.57 36.72 -12.23
N ILE A 408 -32.38 37.32 -12.21
CA ILE A 408 -32.28 38.74 -11.89
C ILE A 408 -32.82 39.59 -13.04
N CYS A 409 -32.55 39.19 -14.28
CA CYS A 409 -32.99 39.93 -15.45
C CYS A 409 -34.38 39.52 -15.92
N ALA A 410 -35.08 38.69 -15.15
CA ALA A 410 -36.45 38.32 -15.49
C ALA A 410 -37.35 39.55 -15.61
N GLY A 411 -37.04 40.62 -14.89
CA GLY A 411 -37.75 41.86 -15.04
C GLY A 411 -38.64 42.18 -13.86
N PRO A 412 -39.17 43.41 -13.82
CA PRO A 412 -40.11 43.76 -12.74
C PRO A 412 -41.37 42.92 -12.73
N ARG A 413 -41.83 42.50 -13.91
CA ARG A 413 -43.02 41.64 -14.05
C ARG A 413 -44.23 42.26 -13.36
N ALA A 414 -44.48 43.53 -13.68
CA ALA A 414 -45.60 44.31 -13.15
C ALA A 414 -45.56 44.47 -11.64
N TRP A 415 -44.46 44.06 -10.99
CA TRP A 415 -44.32 44.10 -9.54
C TRP A 415 -45.43 43.34 -8.83
N LYS A 416 -46.07 42.42 -9.54
CA LYS A 416 -47.08 41.51 -8.99
C LYS A 416 -48.22 42.29 -8.34
N HIS A 417 -48.85 43.16 -9.13
CA HIS A 417 -49.98 43.93 -8.65
C HIS A 417 -51.28 43.14 -8.82
N VAL B 7 -2.79 1.36 11.79
CA VAL B 7 -4.20 1.70 11.93
C VAL B 7 -5.03 0.42 11.94
N ASP B 8 -6.08 0.41 12.75
CA ASP B 8 -6.98 -0.74 12.87
C ASP B 8 -8.37 -0.35 12.41
N TYR B 9 -9.09 -1.33 11.86
CA TYR B 9 -10.45 -1.10 11.36
C TYR B 9 -11.38 -0.87 12.55
N ILE B 10 -11.67 0.40 12.83
CA ILE B 10 -12.61 0.72 13.89
C ILE B 10 -14.02 0.31 13.47
N ALA B 11 -14.80 -0.14 14.43
CA ALA B 11 -16.17 -0.55 14.13
C ALA B 11 -17.04 0.68 13.91
N PRO B 12 -17.65 0.84 12.74
CA PRO B 12 -18.51 2.00 12.50
C PRO B 12 -19.86 1.88 13.20
N TRP B 13 -20.74 2.85 12.97
CA TRP B 13 -22.02 2.92 13.66
C TRP B 13 -23.21 2.50 12.81
N TRP B 14 -23.29 2.93 11.55
CA TRP B 14 -24.43 2.56 10.73
C TRP B 14 -24.40 1.07 10.40
N VAL B 15 -23.21 0.48 10.34
CA VAL B 15 -23.12 -0.97 10.17
C VAL B 15 -23.76 -1.67 11.36
N VAL B 16 -23.47 -1.18 12.57
CA VAL B 16 -24.06 -1.76 13.78
C VAL B 16 -25.57 -1.58 13.76
N TRP B 17 -26.04 -0.40 13.35
CA TRP B 17 -27.48 -0.16 13.32
C TRP B 17 -28.18 -1.09 12.34
N LEU B 18 -27.59 -1.28 11.15
CA LEU B 18 -28.22 -2.15 10.16
C LEU B 18 -28.08 -3.62 10.52
N HIS B 19 -27.04 -3.99 11.28
CA HIS B 19 -26.89 -5.36 11.73
C HIS B 19 -27.85 -5.66 12.89
N SER B 20 -28.22 -4.65 13.66
CA SER B 20 -29.12 -4.83 14.79
C SER B 20 -30.54 -5.17 14.37
N VAL B 21 -30.87 -5.05 13.09
CA VAL B 21 -32.23 -5.38 12.66
C VAL B 21 -32.49 -6.85 12.90
N PRO B 22 -33.70 -7.25 13.29
CA PRO B 22 -33.96 -8.67 13.54
C PRO B 22 -33.84 -9.50 12.27
N HIS B 23 -33.39 -10.74 12.44
CA HIS B 23 -33.32 -11.72 11.37
C HIS B 23 -34.30 -12.84 11.71
N VAL B 24 -35.21 -13.13 10.77
CA VAL B 24 -36.26 -14.09 11.07
C VAL B 24 -36.24 -15.27 10.10
N GLY B 25 -35.79 -15.06 8.89
CA GLY B 25 -35.72 -16.14 7.91
C GLY B 25 -37.06 -16.33 7.20
N LEU B 26 -37.77 -17.39 7.54
CA LEU B 26 -39.01 -17.73 6.85
C LEU B 26 -40.20 -17.92 7.78
N ARG B 27 -40.02 -18.54 8.94
CA ARG B 27 -41.15 -18.80 9.81
C ARG B 27 -40.90 -18.33 11.24
N LEU B 28 -40.34 -17.14 11.39
CA LEU B 28 -40.07 -16.53 12.69
C LEU B 28 -39.11 -17.41 13.51
N GLN B 29 -37.93 -17.63 12.93
CA GLN B 29 -36.82 -18.22 13.67
C GLN B 29 -35.74 -17.16 13.84
N PRO B 30 -35.10 -17.04 15.01
CA PRO B 30 -34.20 -15.92 15.25
C PRO B 30 -33.00 -15.84 14.31
N VAL B 31 -32.70 -16.92 13.58
CA VAL B 31 -31.52 -17.02 12.73
C VAL B 31 -30.29 -16.75 13.59
N ASN B 32 -29.18 -16.34 12.96
CA ASN B 32 -27.92 -16.15 13.68
C ASN B 32 -27.28 -14.78 13.51
N SER B 33 -27.45 -14.10 12.36
CA SER B 33 -26.91 -12.76 12.14
C SER B 33 -25.39 -12.74 12.27
N THR B 34 -24.75 -13.86 11.91
CA THR B 34 -23.31 -13.93 11.77
C THR B 34 -23.03 -14.41 10.35
N PHE B 35 -22.28 -13.60 9.58
CA PHE B 35 -22.15 -13.78 8.15
C PHE B 35 -21.82 -15.22 7.78
N SER B 36 -22.73 -15.87 7.06
CA SER B 36 -22.60 -17.27 6.69
C SER B 36 -23.20 -17.47 5.30
N PRO B 37 -22.48 -17.08 4.25
CA PRO B 37 -22.97 -17.32 2.90
C PRO B 37 -23.11 -18.79 2.60
N GLY B 38 -24.09 -19.12 1.75
CA GLY B 38 -24.26 -20.48 1.30
C GLY B 38 -24.99 -21.39 2.25
N ASP B 39 -25.69 -20.84 3.24
CA ASP B 39 -26.55 -21.64 4.11
C ASP B 39 -27.98 -21.15 4.01
N GLU B 40 -28.92 -22.02 4.37
CA GLU B 40 -30.32 -21.76 4.09
C GLU B 40 -30.86 -20.61 4.95
N SER B 41 -30.39 -20.50 6.19
CA SER B 41 -30.95 -19.48 7.10
C SER B 41 -30.68 -18.07 6.59
N TYR B 42 -29.48 -17.81 6.10
CA TYR B 42 -29.13 -16.46 5.67
C TYR B 42 -29.90 -16.07 4.42
N GLN B 43 -29.97 -16.98 3.45
CA GLN B 43 -30.78 -16.72 2.25
C GLN B 43 -32.24 -16.53 2.61
N GLU B 44 -32.74 -17.27 3.59
CA GLU B 44 -34.12 -17.09 4.04
C GLU B 44 -34.32 -15.69 4.63
N SER B 45 -33.36 -15.20 5.41
CA SER B 45 -33.49 -13.86 5.98
C SER B 45 -33.46 -12.79 4.89
N LEU B 46 -32.54 -12.93 3.93
CA LEU B 46 -32.49 -11.97 2.82
C LEU B 46 -33.77 -11.99 2.01
N LEU B 47 -34.30 -13.19 1.76
CA LEU B 47 -35.57 -13.31 1.05
C LEU B 47 -36.71 -12.71 1.88
N PHE B 48 -36.62 -12.80 3.20
CA PHE B 48 -37.61 -12.13 4.05
C PHE B 48 -37.57 -10.63 3.78
N LEU B 49 -36.39 -10.04 3.80
CA LEU B 49 -36.30 -8.59 3.57
C LEU B 49 -36.83 -8.22 2.19
N GLY B 50 -36.47 -8.99 1.17
CA GLY B 50 -37.00 -8.75 -0.16
C GLY B 50 -38.51 -8.84 -0.21
N LEU B 51 -39.08 -9.84 0.47
CA LEU B 51 -40.53 -9.98 0.50
C LEU B 51 -41.19 -8.88 1.32
N VAL B 52 -40.49 -8.34 2.31
CA VAL B 52 -41.00 -7.18 3.05
C VAL B 52 -41.15 -6.00 2.11
N ALA B 53 -40.11 -5.73 1.31
CA ALA B 53 -40.24 -4.61 0.38
C ALA B 53 -41.26 -4.90 -0.71
N ALA B 54 -41.38 -6.17 -1.14
CA ALA B 54 -42.43 -6.52 -2.09
C ALA B 54 -43.82 -6.32 -1.50
N VAL B 55 -44.00 -6.67 -0.23
CA VAL B 55 -45.28 -6.47 0.44
C VAL B 55 -45.58 -5.00 0.57
N CYS B 56 -44.55 -4.19 0.86
CA CYS B 56 -44.74 -2.74 0.88
C CYS B 56 -45.14 -2.20 -0.48
N LEU B 57 -44.52 -2.73 -1.55
CA LEU B 57 -44.91 -2.35 -2.90
C LEU B 57 -46.36 -2.70 -3.18
N GLY B 58 -46.77 -3.90 -2.79
CA GLY B 58 -48.14 -4.32 -3.03
C GLY B 58 -49.14 -3.49 -2.24
N LEU B 59 -48.81 -3.20 -0.98
CA LEU B 59 -49.67 -2.35 -0.17
C LEU B 59 -49.77 -0.95 -0.75
N ASN B 60 -48.65 -0.40 -1.22
CA ASN B 60 -48.68 0.91 -1.85
C ASN B 60 -49.55 0.89 -3.09
N LEU B 61 -49.42 -0.13 -3.92
CA LEU B 61 -50.23 -0.24 -5.13
C LEU B 61 -51.71 -0.32 -4.78
N ILE B 62 -52.06 -1.19 -3.83
CA ILE B 62 -53.46 -1.38 -3.48
C ILE B 62 -54.05 -0.11 -2.88
N PHE B 63 -53.30 0.53 -1.99
CA PHE B 63 -53.78 1.77 -1.37
C PHE B 63 -53.96 2.86 -2.43
N LEU B 64 -53.01 2.98 -3.35
CA LEU B 64 -53.10 4.01 -4.38
C LEU B 64 -54.31 3.78 -5.27
N VAL B 65 -54.52 2.53 -5.71
CA VAL B 65 -55.64 2.24 -6.59
C VAL B 65 -56.96 2.49 -5.87
N ALA B 66 -57.07 2.01 -4.63
CA ALA B 66 -58.30 2.18 -3.87
C ALA B 66 -58.60 3.64 -3.61
N TYR B 67 -57.57 4.42 -3.23
CA TYR B 67 -57.77 5.84 -2.97
C TYR B 67 -58.17 6.58 -4.25
N LEU B 68 -57.54 6.24 -5.38
CA LEU B 68 -57.89 6.86 -6.64
C LEU B 68 -59.34 6.56 -7.02
N VAL B 69 -59.75 5.29 -6.87
CA VAL B 69 -61.13 4.93 -7.20
C VAL B 69 -62.12 5.64 -6.28
N CYS B 70 -61.81 5.69 -4.98
CA CYS B 70 -62.70 6.36 -4.04
C CYS B 70 -62.82 7.85 -4.33
N ALA B 71 -61.71 8.50 -4.66
CA ALA B 71 -61.75 9.92 -4.99
C ALA B 71 -62.51 10.16 -6.28
N CYS B 72 -62.30 9.31 -7.29
CA CYS B 72 -63.00 9.50 -8.56
C CYS B 72 -64.50 9.27 -8.42
N HIS B 73 -64.90 8.27 -7.65
CA HIS B 73 -66.32 7.96 -7.51
C HIS B 73 -67.05 8.97 -6.65
N CYS B 74 -66.35 9.69 -5.77
CA CYS B 74 -66.98 10.69 -4.92
C CYS B 74 -67.15 12.01 -5.67
N CYS B 89 -54.48 23.67 -5.76
CA CYS B 89 -53.15 23.38 -5.22
C CYS B 89 -52.66 22.01 -5.68
N ILE B 90 -53.52 21.29 -6.39
CA ILE B 90 -53.14 19.96 -6.87
C ILE B 90 -52.03 20.07 -7.91
N THR B 91 -52.06 21.13 -8.72
CA THR B 91 -50.95 21.38 -9.64
C THR B 91 -49.66 21.66 -8.86
N TRP B 92 -49.78 22.40 -7.75
CA TRP B 92 -48.62 22.64 -6.90
C TRP B 92 -48.08 21.34 -6.32
N THR B 93 -48.98 20.43 -5.91
CA THR B 93 -48.54 19.14 -5.40
C THR B 93 -47.86 18.32 -6.50
N ALA B 94 -48.37 18.39 -7.72
CA ALA B 94 -47.72 17.68 -8.82
C ALA B 94 -46.33 18.23 -9.09
N VAL B 95 -46.18 19.55 -9.06
CA VAL B 95 -44.86 20.15 -9.26
C VAL B 95 -43.93 19.77 -8.11
N VAL B 96 -44.46 19.70 -6.89
CA VAL B 96 -43.67 19.27 -5.74
C VAL B 96 -43.20 17.83 -5.92
N ALA B 97 -44.09 16.97 -6.42
CA ALA B 97 -43.71 15.58 -6.68
C ALA B 97 -42.62 15.51 -7.74
N GLY B 98 -42.73 16.33 -8.78
CA GLY B 98 -41.67 16.36 -9.79
C GLY B 98 -40.34 16.83 -9.24
N LEU B 99 -40.38 17.84 -8.37
CA LEU B 99 -39.15 18.31 -7.73
C LEU B 99 -38.55 17.24 -6.84
N ILE B 100 -39.40 16.52 -6.11
CA ILE B 100 -38.93 15.39 -5.29
C ILE B 100 -38.32 14.32 -6.18
N CYS B 101 -38.90 14.10 -7.36
CA CYS B 101 -38.34 13.14 -8.31
C CYS B 101 -36.95 13.58 -8.76
N CYS B 102 -36.78 14.86 -9.06
CA CYS B 102 -35.47 15.36 -9.48
C CYS B 102 -34.44 15.23 -8.36
N ALA B 103 -34.85 15.57 -7.13
CA ALA B 103 -33.94 15.43 -6.00
C ALA B 103 -33.58 13.97 -5.76
N ALA B 104 -34.55 13.07 -5.93
CA ALA B 104 -34.29 11.64 -5.81
C ALA B 104 -33.31 11.18 -6.87
N VAL B 105 -33.45 11.69 -8.10
CA VAL B 105 -32.52 11.33 -9.17
C VAL B 105 -31.11 11.80 -8.82
N GLY B 106 -30.98 13.01 -8.29
CA GLY B 106 -29.67 13.49 -7.88
C GLY B 106 -29.05 12.66 -6.77
N VAL B 107 -29.85 12.34 -5.74
CA VAL B 107 -29.34 11.55 -4.63
C VAL B 107 -29.02 10.13 -5.10
N GLY B 108 -29.77 9.62 -6.08
CA GLY B 108 -29.44 8.33 -6.66
C GLY B 108 -28.15 8.36 -7.44
N PHE B 109 -27.90 9.47 -8.15
CA PHE B 109 -26.62 9.65 -8.82
C PHE B 109 -25.48 9.61 -7.80
N TYR B 110 -25.66 10.33 -6.69
CA TYR B 110 -24.64 10.32 -5.64
C TYR B 110 -24.44 8.91 -5.09
N GLY B 111 -25.54 8.21 -4.78
CA GLY B 111 -25.43 6.88 -4.22
C GLY B 111 -24.79 5.89 -5.17
N ASN B 112 -25.15 5.94 -6.45
CA ASN B 112 -24.55 5.06 -7.43
C ASN B 112 -23.08 5.37 -7.63
N SER B 113 -22.71 6.66 -7.62
CA SER B 113 -21.30 7.02 -7.72
C SER B 113 -20.51 6.47 -6.53
N GLU B 114 -21.07 6.60 -5.32
CA GLU B 114 -20.38 6.08 -4.14
C GLU B 114 -20.28 4.56 -4.17
N THR B 115 -21.35 3.88 -4.60
CA THR B 115 -21.32 2.43 -4.71
C THR B 115 -20.30 1.97 -5.73
N ASN B 116 -20.23 2.64 -6.88
CA ASN B 116 -19.24 2.30 -7.88
C ASN B 116 -17.82 2.58 -7.38
N ASP B 117 -17.65 3.66 -6.63
CA ASP B 117 -16.35 3.94 -6.03
C ASP B 117 -15.95 2.82 -5.08
N GLY B 118 -16.88 2.36 -4.25
CA GLY B 118 -16.57 1.27 -3.34
C GLY B 118 -16.24 -0.02 -4.07
N ALA B 119 -17.02 -0.35 -5.10
CA ALA B 119 -16.77 -1.56 -5.86
C ALA B 119 -15.43 -1.51 -6.58
N TYR B 120 -15.10 -0.37 -7.19
CA TYR B 120 -13.81 -0.24 -7.84
C TYR B 120 -12.66 -0.26 -6.84
N GLN B 121 -12.87 0.30 -5.65
CA GLN B 121 -11.84 0.23 -4.61
C GLN B 121 -11.62 -1.21 -4.17
N LEU B 122 -12.70 -1.97 -4.00
CA LEU B 122 -12.56 -3.39 -3.66
C LEU B 122 -11.82 -4.14 -4.76
N MET B 123 -12.17 -3.87 -6.02
CA MET B 123 -11.50 -4.55 -7.12
C MET B 123 -10.02 -4.19 -7.17
N TYR B 124 -9.69 -2.91 -6.94
CA TYR B 124 -8.30 -2.48 -6.97
C TYR B 124 -7.51 -3.07 -5.81
N SER B 125 -8.11 -3.14 -4.62
CA SER B 125 -7.44 -3.75 -3.48
C SER B 125 -7.20 -5.23 -3.73
N LEU B 126 -8.19 -5.94 -4.27
CA LEU B 126 -8.00 -7.34 -4.60
C LEU B 126 -6.94 -7.51 -5.68
N ASP B 127 -6.90 -6.59 -6.65
CA ASP B 127 -5.88 -6.65 -7.70
C ASP B 127 -4.49 -6.46 -7.13
N ASP B 128 -4.32 -5.51 -6.20
CA ASP B 128 -3.00 -5.29 -5.61
C ASP B 128 -2.60 -6.47 -4.72
N ALA B 129 -3.55 -7.04 -3.97
CA ALA B 129 -3.24 -8.23 -3.20
C ALA B 129 -2.86 -9.39 -4.11
N ASN B 130 -3.55 -9.52 -5.24
CA ASN B 130 -3.19 -10.53 -6.23
C ASN B 130 -1.79 -10.29 -6.77
N HIS B 131 -1.45 -9.03 -7.03
CA HIS B 131 -0.12 -8.72 -7.54
C HIS B 131 0.95 -9.08 -6.52
N THR B 132 0.72 -8.77 -5.25
CA THR B 132 1.70 -9.10 -4.23
C THR B 132 1.83 -10.61 -4.05
N PHE B 133 0.72 -11.34 -4.06
CA PHE B 133 0.77 -12.79 -3.96
C PHE B 133 1.49 -13.41 -5.15
N SER B 134 1.18 -12.93 -6.36
CA SER B 134 1.86 -13.42 -7.54
C SER B 134 3.35 -13.13 -7.48
N GLY B 135 3.71 -11.95 -6.98
CA GLY B 135 5.12 -11.65 -6.81
C GLY B 135 5.80 -12.57 -5.82
N ILE B 136 5.13 -12.86 -4.70
CA ILE B 136 5.70 -13.76 -3.70
C ILE B 136 5.92 -15.14 -4.30
N ASP B 137 4.91 -15.65 -5.00
CA ASP B 137 5.02 -16.98 -5.61
C ASP B 137 6.10 -16.99 -6.69
N ALA B 138 6.16 -15.96 -7.52
CA ALA B 138 7.18 -15.88 -8.55
C ALA B 138 8.57 -15.86 -7.94
N LEU B 139 8.74 -15.08 -6.87
CA LEU B 139 10.06 -14.99 -6.23
C LEU B 139 10.46 -16.32 -5.61
N VAL B 140 9.56 -16.98 -4.88
CA VAL B 140 9.95 -18.23 -4.23
C VAL B 140 10.22 -19.30 -5.28
N SER B 141 9.36 -19.41 -6.29
CA SER B 141 9.58 -20.40 -7.35
C SER B 141 10.87 -20.12 -8.10
N GLY B 142 11.13 -18.85 -8.43
CA GLY B 142 12.34 -18.51 -9.15
C GLY B 142 13.58 -18.83 -8.34
N THR B 143 13.58 -18.49 -7.05
CA THR B 143 14.77 -18.74 -6.25
C THR B 143 14.99 -20.24 -6.03
N THR B 144 13.92 -21.00 -5.77
CA THR B 144 14.11 -22.43 -5.56
C THR B 144 14.57 -23.12 -6.85
N GLN B 145 13.99 -22.74 -7.99
CA GLN B 145 14.40 -23.33 -9.25
C GLN B 145 15.84 -22.96 -9.58
N LYS B 146 16.15 -21.66 -9.53
CA LYS B 146 17.51 -21.20 -9.82
C LYS B 146 18.52 -21.92 -8.94
N MET B 147 18.28 -21.94 -7.63
CA MET B 147 19.18 -22.64 -6.73
C MET B 147 19.30 -24.10 -7.12
N LYS B 148 18.20 -24.86 -6.96
CA LYS B 148 18.25 -26.31 -7.06
C LYS B 148 18.78 -26.79 -8.41
N VAL B 149 18.62 -26.01 -9.47
CA VAL B 149 19.14 -26.47 -10.75
C VAL B 149 20.49 -25.85 -11.06
N ASP B 150 20.53 -24.52 -11.24
CA ASP B 150 21.76 -23.88 -11.70
C ASP B 150 22.86 -24.03 -10.67
N LEU B 151 22.55 -23.80 -9.39
CA LEU B 151 23.58 -23.85 -8.37
C LEU B 151 24.13 -25.27 -8.21
N GLU B 152 23.25 -26.27 -8.22
CA GLU B 152 23.72 -27.65 -8.12
C GLU B 152 24.56 -28.01 -9.35
N GLN B 153 24.17 -27.54 -10.52
CA GLN B 153 24.95 -27.78 -11.72
C GLN B 153 26.35 -27.19 -11.59
N HIS B 154 26.43 -25.97 -11.06
CA HIS B 154 27.73 -25.32 -10.92
C HIS B 154 28.63 -26.02 -9.91
N LEU B 155 28.12 -26.45 -8.76
CA LEU B 155 28.97 -27.23 -7.85
C LEU B 155 29.35 -28.58 -8.45
N ALA B 156 28.44 -29.20 -9.21
CA ALA B 156 28.78 -30.45 -9.86
C ALA B 156 29.94 -30.26 -10.85
N ARG B 157 29.89 -29.17 -11.64
CA ARG B 157 30.97 -28.89 -12.58
C ARG B 157 32.28 -28.54 -11.87
N LEU B 158 32.18 -27.74 -10.79
CA LEU B 158 33.40 -27.30 -10.11
C LEU B 158 34.05 -28.43 -9.31
N SER B 159 33.24 -29.34 -8.77
CA SER B 159 33.80 -30.42 -7.97
C SER B 159 34.66 -31.36 -8.80
N GLU B 160 34.22 -31.68 -10.03
CA GLU B 160 34.99 -32.60 -10.86
C GLU B 160 36.25 -31.94 -11.41
N ILE B 161 36.17 -30.68 -11.81
CA ILE B 161 37.33 -30.00 -12.37
C ILE B 161 38.37 -29.77 -11.29
N PHE B 162 37.93 -29.47 -10.07
CA PHE B 162 38.82 -29.45 -8.92
C PHE B 162 39.32 -30.86 -8.66
N ALA B 163 40.61 -31.09 -8.87
CA ALA B 163 41.22 -32.41 -8.75
C ALA B 163 41.95 -32.52 -7.41
N ALA B 164 41.75 -33.66 -6.74
CA ALA B 164 42.32 -33.93 -5.43
C ALA B 164 41.99 -32.78 -4.46
N ARG B 165 40.69 -32.50 -4.34
CA ARG B 165 40.24 -31.34 -3.59
C ARG B 165 40.67 -31.40 -2.13
N GLY B 166 40.13 -32.35 -1.38
CA GLY B 166 40.43 -32.38 0.03
C GLY B 166 39.83 -31.21 0.78
N ASP B 167 40.68 -30.22 1.11
CA ASP B 167 40.21 -29.03 1.79
C ASP B 167 39.01 -28.39 1.08
N TYR B 168 39.05 -28.37 -0.26
CA TYR B 168 38.03 -27.63 -1.00
C TYR B 168 36.69 -28.35 -1.06
N LEU B 169 36.68 -29.68 -1.18
CA LEU B 169 35.39 -30.36 -1.34
C LEU B 169 34.56 -30.25 -0.07
N GLN B 170 35.22 -30.04 1.08
CA GLN B 170 34.47 -29.80 2.31
C GLN B 170 33.67 -28.50 2.22
N THR B 171 34.31 -27.42 1.75
CA THR B 171 33.60 -26.17 1.58
C THR B 171 32.50 -26.30 0.53
N LEU B 172 32.78 -27.01 -0.56
CA LEU B 172 31.76 -27.20 -1.59
C LEU B 172 30.58 -27.99 -1.04
N LYS B 173 30.86 -29.03 -0.25
CA LYS B 173 29.79 -29.82 0.36
C LYS B 173 28.97 -28.97 1.32
N PHE B 174 29.62 -28.09 2.08
CA PHE B 174 28.87 -27.24 2.99
C PHE B 174 28.00 -26.25 2.22
N ILE B 175 28.51 -25.73 1.11
CA ILE B 175 27.70 -24.84 0.27
C ILE B 175 26.47 -25.57 -0.24
N GLN B 176 26.66 -26.81 -0.72
CA GLN B 176 25.52 -27.60 -1.19
C GLN B 176 24.53 -27.87 -0.06
N GLN B 177 25.05 -28.20 1.13
CA GLN B 177 24.20 -28.45 2.28
C GLN B 177 23.37 -27.23 2.64
N MET B 178 23.99 -26.07 2.69
CA MET B 178 23.28 -24.91 3.20
C MET B 178 22.31 -24.40 2.15
N ALA B 179 22.65 -24.63 0.88
CA ALA B 179 21.69 -24.41 -0.21
C ALA B 179 20.48 -25.33 -0.08
N GLY B 180 20.72 -26.59 0.30
CA GLY B 180 19.60 -27.46 0.59
C GLY B 180 18.75 -26.95 1.75
N SER B 181 19.40 -26.42 2.77
CA SER B 181 18.67 -25.85 3.90
C SER B 181 17.80 -24.68 3.47
N VAL B 182 18.35 -23.77 2.66
CA VAL B 182 17.57 -22.60 2.25
C VAL B 182 16.45 -23.00 1.31
N VAL B 183 16.68 -23.99 0.43
CA VAL B 183 15.61 -24.41 -0.47
C VAL B 183 14.50 -25.11 0.31
N VAL B 184 14.85 -25.86 1.35
CA VAL B 184 13.83 -26.47 2.20
C VAL B 184 13.03 -25.38 2.91
N GLN B 185 13.72 -24.37 3.45
CA GLN B 185 13.02 -23.29 4.15
C GLN B 185 12.08 -22.55 3.20
N LEU B 186 12.52 -22.30 1.97
CA LEU B 186 11.66 -21.62 1.01
C LEU B 186 10.48 -22.50 0.59
N SER B 187 10.69 -23.81 0.49
CA SER B 187 9.56 -24.70 0.25
C SER B 187 8.58 -24.68 1.41
N GLY B 188 9.06 -24.40 2.63
CA GLY B 188 8.17 -24.24 3.75
C GLY B 188 7.26 -23.03 3.66
N LEU B 189 7.61 -22.05 2.82
CA LEU B 189 6.75 -20.90 2.63
C LEU B 189 5.45 -21.33 1.96
N PRO B 190 4.33 -20.69 2.30
CA PRO B 190 3.06 -21.06 1.66
C PRO B 190 3.06 -20.75 0.18
N VAL B 191 2.32 -21.56 -0.58
CA VAL B 191 2.12 -21.36 -2.01
C VAL B 191 0.75 -20.73 -2.21
N TRP B 192 0.70 -19.63 -2.94
CA TRP B 192 -0.49 -18.81 -3.04
C TRP B 192 -1.16 -18.92 -4.41
N ARG B 193 -0.96 -20.03 -5.11
CA ARG B 193 -1.55 -20.17 -6.44
C ARG B 193 -3.07 -20.26 -6.36
N GLU B 194 -3.58 -21.07 -5.43
CA GLU B 194 -5.02 -21.18 -5.25
C GLU B 194 -5.63 -19.86 -4.81
N VAL B 195 -4.94 -19.15 -3.91
CA VAL B 195 -5.45 -17.88 -3.42
C VAL B 195 -5.52 -16.85 -4.54
N THR B 196 -4.49 -16.79 -5.38
CA THR B 196 -4.54 -15.83 -6.47
C THR B 196 -5.56 -16.23 -7.52
N MET B 197 -5.79 -17.53 -7.74
CA MET B 197 -6.88 -17.93 -8.62
C MET B 197 -8.23 -17.48 -8.07
N GLU B 198 -8.46 -17.68 -6.78
CA GLU B 198 -9.72 -17.27 -6.17
C GLU B 198 -9.88 -15.75 -6.24
N LEU B 199 -8.78 -15.02 -6.01
CA LEU B 199 -8.84 -13.56 -6.11
C LEU B 199 -9.14 -13.10 -7.53
N THR B 200 -8.55 -13.76 -8.53
CA THR B 200 -8.86 -13.41 -9.91
C THR B 200 -10.33 -13.65 -10.22
N LYS B 201 -10.86 -14.79 -9.78
CA LYS B 201 -12.27 -15.08 -10.03
C LYS B 201 -13.17 -14.06 -9.34
N LEU B 202 -12.86 -13.72 -8.09
CA LEU B 202 -13.67 -12.75 -7.35
C LEU B 202 -13.60 -11.38 -8.02
N SER B 203 -12.42 -10.97 -8.48
CA SER B 203 -12.28 -9.68 -9.13
C SER B 203 -13.07 -9.64 -10.44
N ASP B 204 -13.00 -10.71 -11.23
CA ASP B 204 -13.75 -10.74 -12.48
C ASP B 204 -15.25 -10.68 -12.24
N GLN B 205 -15.73 -11.47 -11.28
CA GLN B 205 -17.16 -11.43 -10.95
C GLN B 205 -17.57 -10.05 -10.46
N THR B 206 -16.76 -9.44 -9.60
CA THR B 206 -17.08 -8.11 -9.09
C THR B 206 -17.16 -7.10 -10.23
N GLY B 207 -16.19 -7.13 -11.14
CA GLY B 207 -16.21 -6.20 -12.25
C GLY B 207 -17.44 -6.36 -13.12
N TYR B 208 -17.75 -7.60 -13.48
CA TYR B 208 -18.89 -7.86 -14.36
C TYR B 208 -20.20 -7.43 -13.70
N VAL B 209 -20.42 -7.85 -12.45
CA VAL B 209 -21.66 -7.53 -11.76
C VAL B 209 -21.78 -6.03 -11.52
N GLU B 210 -20.69 -5.38 -11.11
CA GLU B 210 -20.73 -3.95 -10.85
C GLU B 210 -21.02 -3.16 -12.12
N TYR B 211 -20.38 -3.54 -13.23
CA TYR B 211 -20.64 -2.85 -14.49
C TYR B 211 -22.12 -2.99 -14.88
N TYR B 212 -22.65 -4.21 -14.82
CA TYR B 212 -24.05 -4.39 -15.22
C TYR B 212 -25.00 -3.64 -14.29
N ARG B 213 -24.74 -3.67 -12.98
CA ARG B 213 -25.61 -2.97 -12.04
C ARG B 213 -25.54 -1.47 -12.23
N TRP B 214 -24.35 -0.92 -12.46
CA TRP B 214 -24.22 0.51 -12.71
C TRP B 214 -24.98 0.90 -13.97
N LEU B 215 -24.85 0.11 -15.03
CA LEU B 215 -25.58 0.42 -16.26
C LEU B 215 -27.09 0.36 -16.03
N SER B 216 -27.56 -0.66 -15.32
CA SER B 216 -28.99 -0.79 -15.08
C SER B 216 -29.53 0.38 -14.25
N TYR B 217 -28.79 0.78 -13.21
CA TYR B 217 -29.28 1.86 -12.37
C TYR B 217 -29.17 3.21 -13.08
N LEU B 218 -28.18 3.39 -13.96
CA LEU B 218 -28.16 4.58 -14.79
C LEU B 218 -29.36 4.61 -15.74
N LEU B 219 -29.73 3.45 -16.27
CA LEU B 219 -30.93 3.38 -17.09
C LEU B 219 -32.17 3.73 -16.28
N LEU B 220 -32.22 3.28 -15.02
CA LEU B 220 -33.33 3.64 -14.14
C LEU B 220 -33.39 5.14 -13.90
N PHE B 221 -32.22 5.76 -13.68
CA PHE B 221 -32.18 7.21 -13.52
C PHE B 221 -32.66 7.92 -14.77
N ILE B 222 -32.25 7.43 -15.95
CA ILE B 222 -32.69 8.00 -17.21
C ILE B 222 -34.20 7.88 -17.35
N LEU B 223 -34.75 6.72 -17.00
CA LEU B 223 -36.19 6.53 -17.06
C LEU B 223 -36.91 7.49 -16.14
N ASP B 224 -36.41 7.67 -14.92
CA ASP B 224 -37.04 8.59 -13.98
C ASP B 224 -37.01 10.02 -14.50
N LEU B 225 -35.86 10.45 -15.01
CA LEU B 225 -35.76 11.81 -15.55
C LEU B 225 -36.71 12.01 -16.73
N VAL B 226 -36.75 11.03 -17.63
CA VAL B 226 -37.59 11.14 -18.82
C VAL B 226 -39.06 11.18 -18.43
N ILE B 227 -39.48 10.32 -17.50
CA ILE B 227 -40.89 10.29 -17.14
C ILE B 227 -41.28 11.55 -16.39
N CYS B 228 -40.37 12.09 -15.56
CA CYS B 228 -40.64 13.35 -14.89
C CYS B 228 -40.76 14.49 -15.90
N LEU B 229 -39.90 14.50 -16.93
CA LEU B 229 -39.99 15.52 -17.96
C LEU B 229 -41.31 15.44 -18.71
N ILE B 230 -41.74 14.22 -19.05
CA ILE B 230 -43.02 14.07 -19.74
C ILE B 230 -44.17 14.51 -18.85
N ALA B 231 -44.10 14.19 -17.56
CA ALA B 231 -45.14 14.63 -16.62
C ALA B 231 -45.20 16.15 -16.54
N CYS B 232 -44.04 16.80 -16.45
CA CYS B 232 -44.02 18.26 -16.39
C CYS B 232 -44.55 18.88 -17.66
N LEU B 233 -44.20 18.31 -18.82
CA LEU B 233 -44.72 18.81 -20.08
C LEU B 233 -46.23 18.64 -20.18
N GLY B 234 -46.75 17.50 -19.72
CA GLY B 234 -48.18 17.24 -19.76
C GLY B 234 -48.96 18.00 -18.72
N LEU B 235 -48.31 18.50 -17.67
CA LEU B 235 -48.99 19.35 -16.71
C LEU B 235 -49.35 20.71 -17.29
N ALA B 236 -48.58 21.19 -18.26
CA ALA B 236 -48.87 22.49 -18.86
C ALA B 236 -50.16 22.44 -19.69
N LYS B 237 -50.30 21.42 -20.52
CA LYS B 237 -51.46 21.27 -21.39
C LYS B 237 -52.18 19.97 -21.04
N ARG B 238 -53.47 20.06 -20.74
CA ARG B 238 -54.27 18.92 -20.31
C ARG B 238 -54.57 18.06 -21.54
N SER B 239 -53.68 17.11 -21.81
CA SER B 239 -53.81 16.18 -22.93
C SER B 239 -53.98 14.77 -22.41
N LYS B 240 -55.02 14.08 -22.90
CA LYS B 240 -55.39 12.78 -22.33
C LYS B 240 -54.42 11.67 -22.74
N CYS B 241 -54.00 11.63 -24.00
CA CYS B 241 -53.11 10.56 -24.45
C CYS B 241 -51.75 10.65 -23.75
N LEU B 242 -51.20 11.87 -23.65
CA LEU B 242 -49.94 12.06 -22.96
C LEU B 242 -50.05 11.66 -21.50
N LEU B 243 -51.15 12.05 -20.84
CA LEU B 243 -51.35 11.67 -19.45
C LEU B 243 -51.45 10.17 -19.29
N ALA B 244 -52.16 9.50 -20.20
CA ALA B 244 -52.32 8.05 -20.11
C ALA B 244 -50.99 7.34 -20.26
N SER B 245 -50.21 7.72 -21.28
CA SER B 245 -48.89 7.10 -21.47
C SER B 245 -47.98 7.40 -20.28
N MET B 246 -48.03 8.64 -19.77
CA MET B 246 -47.22 9.03 -18.64
C MET B 246 -47.55 8.21 -17.39
N LEU B 247 -48.84 8.00 -17.12
CA LEU B 247 -49.23 7.20 -15.96
C LEU B 247 -48.86 5.73 -16.16
N CYS B 248 -49.04 5.21 -17.38
CA CYS B 248 -48.70 3.81 -17.64
C CYS B 248 -47.21 3.58 -17.42
N CYS B 249 -46.36 4.51 -17.86
CA CYS B 249 -44.94 4.37 -17.60
C CYS B 249 -44.59 4.62 -16.13
N GLY B 250 -45.33 5.52 -15.47
CA GLY B 250 -45.02 5.83 -14.09
C GLY B 250 -45.29 4.68 -13.13
N ALA B 251 -46.41 3.97 -13.34
CA ALA B 251 -46.69 2.81 -12.49
C ALA B 251 -45.62 1.74 -12.66
N LEU B 252 -45.21 1.50 -13.91
CA LEU B 252 -44.14 0.55 -14.18
C LEU B 252 -42.86 0.98 -13.47
N SER B 253 -42.50 2.25 -13.60
CA SER B 253 -41.26 2.74 -13.01
C SER B 253 -41.31 2.67 -11.49
N LEU B 254 -42.49 2.88 -10.89
CA LEU B 254 -42.56 2.78 -9.43
C LEU B 254 -42.42 1.33 -8.98
N LEU B 255 -42.93 0.38 -9.77
CA LEU B 255 -42.72 -1.01 -9.40
C LEU B 255 -41.22 -1.37 -9.46
N LEU B 256 -40.51 -0.89 -10.49
CA LEU B 256 -39.06 -1.11 -10.49
C LEU B 256 -38.38 -0.41 -9.32
N SER B 257 -38.82 0.79 -8.95
CA SER B 257 -38.15 1.47 -7.83
C SER B 257 -38.34 0.68 -6.55
N TRP B 258 -39.54 0.14 -6.33
CA TRP B 258 -39.77 -0.67 -5.14
C TRP B 258 -38.93 -1.96 -5.17
N ALA B 259 -38.84 -2.60 -6.33
CA ALA B 259 -38.01 -3.81 -6.43
C ALA B 259 -36.54 -3.49 -6.18
N SER B 260 -36.07 -2.36 -6.69
CA SER B 260 -34.70 -1.93 -6.42
C SER B 260 -34.50 -1.66 -4.94
N LEU B 261 -35.50 -1.07 -4.28
CA LEU B 261 -35.42 -0.91 -2.83
C LEU B 261 -35.29 -2.25 -2.15
N ALA B 262 -36.04 -3.25 -2.62
CA ALA B 262 -35.95 -4.59 -2.04
C ALA B 262 -34.54 -5.15 -2.15
N ALA B 263 -34.00 -5.17 -3.37
CA ALA B 263 -32.69 -5.75 -3.59
C ALA B 263 -31.62 -4.98 -2.83
N ASP B 264 -31.70 -3.65 -2.85
CA ASP B 264 -30.72 -2.82 -2.19
C ASP B 264 -30.76 -2.98 -0.68
N GLY B 265 -31.97 -3.10 -0.11
CA GLY B 265 -32.06 -3.33 1.32
C GLY B 265 -31.50 -4.67 1.73
N SER B 266 -31.79 -5.72 0.95
CA SER B 266 -31.23 -7.03 1.25
C SER B 266 -29.70 -6.99 1.18
N ALA B 267 -29.16 -6.39 0.11
CA ALA B 267 -27.71 -6.31 -0.04
C ALA B 267 -27.08 -5.47 1.07
N ALA B 268 -27.73 -4.37 1.46
CA ALA B 268 -27.22 -3.54 2.52
C ALA B 268 -27.20 -4.28 3.85
N VAL B 269 -28.25 -5.04 4.14
CA VAL B 269 -28.25 -5.82 5.38
C VAL B 269 -27.13 -6.84 5.36
N ALA B 270 -26.95 -7.54 4.23
CA ALA B 270 -25.89 -8.54 4.14
C ALA B 270 -24.52 -7.91 4.34
N THR B 271 -24.25 -6.80 3.64
CA THR B 271 -22.96 -6.15 3.77
C THR B 271 -22.74 -5.61 5.17
N SER B 272 -23.77 -5.03 5.79
CA SER B 272 -23.63 -4.47 7.12
C SER B 272 -23.33 -5.55 8.14
N ASP B 273 -24.03 -6.68 8.07
CA ASP B 273 -23.81 -7.73 9.05
C ASP B 273 -22.57 -8.58 8.74
N PHE B 274 -22.03 -8.47 7.53
CA PHE B 274 -20.65 -8.91 7.30
C PHE B 274 -19.64 -7.93 7.87
N CYS B 275 -19.99 -6.64 7.90
CA CYS B 275 -19.06 -5.62 8.36
C CYS B 275 -18.81 -5.71 9.85
N VAL B 276 -19.81 -6.13 10.63
CA VAL B 276 -19.71 -6.07 12.08
C VAL B 276 -18.56 -6.93 12.59
N ALA B 277 -18.15 -7.94 11.82
CA ALA B 277 -17.02 -8.79 12.17
C ALA B 277 -16.48 -9.45 10.91
N PRO B 278 -15.68 -8.71 10.13
CA PRO B 278 -15.17 -9.27 8.87
C PRO B 278 -13.97 -10.20 9.08
N ASP B 279 -13.17 -9.91 10.10
CA ASP B 279 -11.95 -10.70 10.32
C ASP B 279 -12.28 -12.15 10.64
N THR B 280 -13.28 -12.38 11.50
CA THR B 280 -13.64 -13.75 11.84
C THR B 280 -14.17 -14.51 10.63
N PHE B 281 -14.95 -13.83 9.78
CA PHE B 281 -15.47 -14.50 8.59
C PHE B 281 -14.35 -14.83 7.61
N ILE B 282 -13.46 -13.88 7.36
CA ILE B 282 -12.38 -14.12 6.40
C ILE B 282 -11.42 -15.17 6.94
N LEU B 283 -11.35 -15.29 8.26
CA LEU B 283 -10.57 -16.37 8.86
C LEU B 283 -11.28 -17.71 8.73
N ASN B 284 -12.60 -17.73 8.88
CA ASN B 284 -13.39 -18.96 8.75
C ASN B 284 -13.30 -19.52 7.34
N VAL B 285 -13.45 -18.64 6.34
CA VAL B 285 -13.40 -19.07 4.95
C VAL B 285 -12.01 -19.63 4.65
N THR B 286 -10.97 -18.93 5.10
CA THR B 286 -9.59 -19.35 4.87
C THR B 286 -9.16 -20.31 5.98
N GLU B 287 -9.77 -21.49 5.97
CA GLU B 287 -9.42 -22.55 6.91
C GLU B 287 -8.54 -23.63 6.31
N GLY B 288 -8.61 -23.84 5.00
CA GLY B 288 -7.75 -24.79 4.33
C GLY B 288 -6.87 -24.12 3.28
N GLN B 289 -7.30 -22.95 2.83
CA GLN B 289 -6.54 -22.22 1.81
C GLN B 289 -5.21 -21.74 2.36
N ILE B 290 -5.22 -21.18 3.57
CA ILE B 290 -4.04 -20.56 4.17
C ILE B 290 -4.00 -20.95 5.64
N SER B 291 -2.81 -21.29 6.14
CA SER B 291 -2.65 -21.62 7.54
C SER B 291 -3.05 -20.43 8.41
N THR B 292 -3.64 -20.73 9.57
CA THR B 292 -4.19 -19.69 10.43
C THR B 292 -3.10 -18.71 10.88
N GLU B 293 -1.87 -19.18 11.03
CA GLU B 293 -0.79 -18.31 11.48
C GLU B 293 -0.58 -17.15 10.52
N VAL B 294 -0.61 -17.41 9.22
CA VAL B 294 -0.38 -16.35 8.23
C VAL B 294 -1.54 -15.37 8.22
N THR B 295 -2.78 -15.87 8.26
CA THR B 295 -3.93 -14.98 8.19
C THR B 295 -4.05 -14.11 9.43
N ARG B 296 -3.80 -14.66 10.62
CA ARG B 296 -3.83 -13.85 11.82
C ARG B 296 -2.72 -12.81 11.85
N TYR B 297 -1.62 -13.05 11.14
CA TYR B 297 -0.56 -12.06 10.99
C TYR B 297 -0.95 -10.96 10.02
N TYR B 298 -1.59 -11.33 8.90
CA TYR B 298 -1.92 -10.32 7.90
C TYR B 298 -3.08 -9.45 8.33
N LEU B 299 -4.07 -10.03 9.02
CA LEU B 299 -5.30 -9.27 9.30
C LEU B 299 -5.09 -8.22 10.39
N TYR B 300 -4.11 -8.40 11.26
CA TYR B 300 -4.03 -7.58 12.47
C TYR B 300 -2.81 -6.67 12.54
N CYS B 301 -1.67 -7.08 12.00
CA CYS B 301 -0.42 -6.33 12.12
C CYS B 301 -0.08 -6.05 13.59
N SER B 302 0.17 -7.14 14.32
CA SER B 302 0.63 -7.03 15.70
C SER B 302 2.09 -6.59 15.66
N GLN B 303 2.28 -5.28 15.55
CA GLN B 303 3.61 -4.73 15.35
C GLN B 303 4.53 -5.00 16.54
N SER B 304 3.97 -5.30 17.71
CA SER B 304 4.76 -5.64 18.88
C SER B 304 4.99 -7.14 19.02
N GLY B 305 4.48 -7.94 18.08
CA GLY B 305 4.62 -9.38 18.13
C GLY B 305 5.61 -9.91 17.11
N SER B 306 5.53 -11.21 16.87
CA SER B 306 6.42 -11.87 15.94
C SER B 306 5.76 -11.98 14.56
N SER B 307 6.38 -12.74 13.66
CA SER B 307 5.87 -12.93 12.31
C SER B 307 6.15 -14.36 11.87
N PRO B 308 5.19 -15.02 11.23
CA PRO B 308 5.42 -16.40 10.79
C PRO B 308 6.53 -16.53 9.77
N PHE B 309 6.84 -15.48 9.03
CA PHE B 309 7.91 -15.52 8.05
C PHE B 309 9.27 -15.19 8.63
N GLN B 310 9.35 -14.89 9.93
CA GLN B 310 10.61 -14.46 10.51
C GLN B 310 11.68 -15.53 10.41
N GLN B 311 11.34 -16.77 10.75
CA GLN B 311 12.35 -17.82 10.82
C GLN B 311 12.88 -18.19 9.45
N THR B 312 11.98 -18.37 8.47
CA THR B 312 12.43 -18.76 7.15
C THR B 312 13.25 -17.66 6.49
N LEU B 313 12.87 -16.40 6.69
CA LEU B 313 13.65 -15.30 6.14
C LEU B 313 15.00 -15.18 6.85
N THR B 314 15.02 -15.40 8.16
CA THR B 314 16.30 -15.38 8.88
C THR B 314 17.22 -16.47 8.37
N THR B 315 16.70 -17.68 8.16
CA THR B 315 17.52 -18.75 7.63
C THR B 315 17.98 -18.45 6.20
N PHE B 316 17.10 -17.89 5.38
CA PHE B 316 17.48 -17.47 4.03
C PHE B 316 18.64 -16.48 4.08
N GLN B 317 18.51 -15.45 4.93
CA GLN B 317 19.54 -14.43 5.03
C GLN B 317 20.86 -15.00 5.52
N ARG B 318 20.81 -15.87 6.54
CA ARG B 318 22.03 -16.47 7.07
C ARG B 318 22.70 -17.35 6.02
N ALA B 319 21.91 -18.16 5.31
CA ALA B 319 22.44 -19.00 4.25
C ALA B 319 23.12 -18.17 3.18
N LEU B 320 22.45 -17.11 2.74
CA LEU B 320 22.98 -16.29 1.66
C LEU B 320 24.27 -15.61 2.08
N THR B 321 24.32 -15.09 3.30
CA THR B 321 25.56 -14.47 3.78
C THR B 321 26.70 -15.48 3.85
N THR B 322 26.43 -16.67 4.38
CA THR B 322 27.51 -17.64 4.57
C THR B 322 27.99 -18.18 3.23
N MET B 323 27.06 -18.46 2.32
CA MET B 323 27.47 -18.85 0.97
C MET B 323 28.24 -17.74 0.28
N GLN B 324 27.84 -16.48 0.51
CA GLN B 324 28.59 -15.35 -0.02
C GLN B 324 30.05 -15.39 0.44
N ILE B 325 30.27 -15.52 1.75
CA ILE B 325 31.64 -15.44 2.24
C ILE B 325 32.46 -16.64 1.78
N GLN B 326 31.84 -17.83 1.80
CA GLN B 326 32.57 -19.02 1.34
C GLN B 326 32.93 -18.95 -0.14
N VAL B 327 31.97 -18.54 -0.97
CA VAL B 327 32.23 -18.43 -2.40
C VAL B 327 33.27 -17.35 -2.68
N ALA B 328 33.22 -16.24 -1.94
CA ALA B 328 34.23 -15.20 -2.12
C ALA B 328 35.61 -15.71 -1.75
N GLY B 329 35.72 -16.46 -0.65
CA GLY B 329 37.00 -17.04 -0.29
C GLY B 329 37.52 -17.98 -1.37
N LEU B 330 36.65 -18.86 -1.87
CA LEU B 330 37.06 -19.79 -2.92
C LEU B 330 37.48 -19.05 -4.17
N LEU B 331 36.75 -17.99 -4.54
CA LEU B 331 37.09 -17.25 -5.75
C LEU B 331 38.43 -16.54 -5.61
N GLN B 332 38.66 -15.88 -4.49
CA GLN B 332 39.86 -15.09 -4.34
C GLN B 332 41.07 -15.94 -3.98
N PHE B 333 40.86 -17.20 -3.58
CA PHE B 333 41.96 -18.11 -3.28
C PHE B 333 42.14 -19.23 -4.29
N ALA B 334 41.29 -19.33 -5.31
CA ALA B 334 41.40 -20.41 -6.28
C ALA B 334 41.94 -19.94 -7.63
N VAL B 335 41.68 -18.69 -8.01
CA VAL B 335 42.28 -18.16 -9.24
C VAL B 335 43.79 -18.28 -9.23
N PRO B 336 44.52 -17.94 -8.15
CA PRO B 336 45.97 -18.19 -8.16
C PRO B 336 46.32 -19.66 -8.21
N LEU B 337 45.39 -20.55 -7.89
CA LEU B 337 45.67 -21.98 -7.82
C LEU B 337 45.27 -22.72 -9.09
N PHE B 338 44.00 -22.65 -9.48
CA PHE B 338 43.49 -23.41 -10.61
C PHE B 338 43.20 -22.51 -11.81
N SER B 339 42.37 -21.48 -11.62
CA SER B 339 42.01 -20.54 -12.68
C SER B 339 41.45 -21.25 -13.91
N THR B 340 40.68 -22.30 -13.67
CA THR B 340 40.07 -23.08 -14.74
C THR B 340 38.55 -23.02 -14.69
N ALA B 341 37.97 -23.21 -13.49
CA ALA B 341 36.54 -23.06 -13.28
C ALA B 341 36.18 -21.65 -12.83
N GLU B 342 37.00 -20.66 -13.20
CA GLU B 342 36.76 -19.29 -12.79
C GLU B 342 35.46 -18.73 -13.36
N GLU B 343 35.12 -19.07 -14.60
CA GLU B 343 33.84 -18.65 -15.14
C GLU B 343 32.69 -19.26 -14.35
N ASP B 344 32.82 -20.52 -13.95
CA ASP B 344 31.81 -21.17 -13.13
C ASP B 344 31.68 -20.49 -11.77
N LEU B 345 32.80 -20.12 -11.17
CA LEU B 345 32.76 -19.52 -9.84
C LEU B 345 32.20 -18.09 -9.90
N LEU B 346 32.53 -17.36 -10.96
CA LEU B 346 31.85 -16.08 -11.20
C LEU B 346 30.37 -16.28 -11.45
N ALA B 347 29.98 -17.38 -12.10
CA ALA B 347 28.57 -17.64 -12.34
C ALA B 347 27.82 -17.87 -11.03
N ILE B 348 28.40 -18.67 -10.12
CA ILE B 348 27.73 -18.89 -8.84
C ILE B 348 27.73 -17.61 -8.01
N GLN B 349 28.80 -16.81 -8.11
CA GLN B 349 28.81 -15.52 -7.42
C GLN B 349 27.69 -14.61 -7.94
N LEU B 350 27.48 -14.60 -9.26
CA LEU B 350 26.41 -13.81 -9.84
C LEU B 350 25.05 -14.32 -9.40
N LEU B 351 24.87 -15.64 -9.39
CA LEU B 351 23.63 -16.22 -8.89
C LEU B 351 23.39 -15.81 -7.44
N LEU B 352 24.45 -15.75 -6.63
CA LEU B 352 24.29 -15.42 -5.23
C LEU B 352 23.97 -13.94 -5.04
N ASN B 353 24.59 -13.06 -5.83
CA ASN B 353 24.22 -11.65 -5.81
C ASN B 353 22.75 -11.48 -6.21
N SER B 354 22.32 -12.20 -7.24
CA SER B 354 20.93 -12.13 -7.68
C SER B 354 19.99 -12.65 -6.60
N SER B 355 20.38 -13.70 -5.88
CA SER B 355 19.55 -14.18 -4.79
C SER B 355 19.49 -13.17 -3.65
N GLU B 356 20.58 -12.44 -3.41
CA GLU B 356 20.53 -11.34 -2.43
C GLU B 356 19.52 -10.29 -2.85
N SER B 357 19.54 -9.92 -4.14
CA SER B 357 18.57 -8.96 -4.63
C SER B 357 17.14 -9.47 -4.47
N SER B 358 16.91 -10.73 -4.80
CA SER B 358 15.55 -11.28 -4.70
C SER B 358 15.13 -11.44 -3.25
N LEU B 359 16.09 -11.69 -2.35
CA LEU B 359 15.75 -11.76 -0.93
C LEU B 359 15.32 -10.39 -0.42
N HIS B 360 16.08 -9.35 -0.76
CA HIS B 360 15.68 -8.01 -0.36
C HIS B 360 14.37 -7.60 -1.02
N GLN B 361 14.07 -8.16 -2.19
CA GLN B 361 12.75 -7.96 -2.79
C GLN B 361 11.69 -8.90 -2.22
N LEU B 362 12.07 -9.87 -1.39
CA LEU B 362 11.12 -10.84 -0.88
C LEU B 362 10.69 -10.54 0.55
N THR B 363 11.63 -10.13 1.40
CA THR B 363 11.30 -9.85 2.78
C THR B 363 10.50 -8.56 2.95
N ALA B 364 10.19 -7.87 1.86
CA ALA B 364 9.37 -6.68 1.90
C ALA B 364 7.95 -6.91 1.39
N MET B 365 7.75 -7.88 0.51
CA MET B 365 6.41 -8.15 -0.01
C MET B 365 5.63 -9.11 0.88
N VAL B 366 6.32 -9.95 1.65
CA VAL B 366 5.64 -10.82 2.62
C VAL B 366 5.29 -10.09 3.90
N ASP B 367 5.65 -8.81 4.03
CA ASP B 367 5.46 -8.11 5.28
C ASP B 367 3.99 -7.84 5.55
N CYS B 368 3.69 -7.52 6.80
CA CYS B 368 2.32 -7.26 7.20
C CYS B 368 1.78 -5.99 6.56
N ARG B 369 2.66 -5.01 6.31
CA ARG B 369 2.21 -3.68 5.93
C ARG B 369 1.40 -3.67 4.64
N GLY B 370 1.94 -4.27 3.58
CA GLY B 370 1.28 -4.18 2.29
C GLY B 370 -0.08 -4.85 2.27
N LEU B 371 -0.13 -6.11 2.73
CA LEU B 371 -1.40 -6.84 2.69
C LEU B 371 -2.39 -6.29 3.69
N HIS B 372 -1.93 -5.84 4.86
CA HIS B 372 -2.85 -5.24 5.81
C HIS B 372 -3.43 -3.94 5.28
N LYS B 373 -2.61 -3.12 4.61
CA LYS B 373 -3.13 -1.91 3.99
C LYS B 373 -4.13 -2.25 2.89
N ASP B 374 -3.84 -3.28 2.09
CA ASP B 374 -4.78 -3.71 1.07
C ASP B 374 -6.11 -4.13 1.69
N TYR B 375 -6.04 -4.90 2.78
CA TYR B 375 -7.24 -5.39 3.43
C TYR B 375 -8.06 -4.24 4.03
N LEU B 376 -7.37 -3.30 4.67
CA LEU B 376 -8.07 -2.15 5.24
C LEU B 376 -8.71 -1.29 4.16
N ASP B 377 -8.00 -1.08 3.04
CA ASP B 377 -8.58 -0.31 1.94
C ASP B 377 -9.78 -1.01 1.33
N ALA B 378 -9.70 -2.33 1.15
CA ALA B 378 -10.84 -3.08 0.64
C ALA B 378 -12.02 -2.96 1.59
N LEU B 379 -11.77 -3.08 2.90
CA LEU B 379 -12.83 -2.94 3.88
C LEU B 379 -13.46 -1.56 3.81
N ALA B 380 -12.63 -0.52 3.77
CA ALA B 380 -13.15 0.84 3.70
C ALA B 380 -13.97 1.07 2.43
N GLY B 381 -13.54 0.49 1.31
CA GLY B 381 -14.31 0.60 0.09
C GLY B 381 -15.64 -0.11 0.17
N ILE B 382 -15.65 -1.32 0.74
CA ILE B 382 -16.88 -2.11 0.82
C ILE B 382 -17.77 -1.74 2.00
N CYS B 383 -17.18 -1.23 3.09
CA CYS B 383 -17.91 -1.00 4.32
C CYS B 383 -18.22 0.46 4.59
N TYR B 384 -17.24 1.35 4.42
CA TYR B 384 -17.51 2.77 4.64
C TYR B 384 -18.20 3.40 3.44
N ASP B 385 -17.54 3.40 2.29
CA ASP B 385 -18.14 4.00 1.09
C ASP B 385 -19.21 3.10 0.49
N GLY B 386 -18.97 1.78 0.47
CA GLY B 386 -19.92 0.88 -0.18
C GLY B 386 -21.28 0.88 0.51
N LEU B 387 -21.28 0.75 1.84
CA LEU B 387 -22.54 0.73 2.55
C LEU B 387 -23.21 2.10 2.55
N GLN B 388 -22.41 3.18 2.58
CA GLN B 388 -22.99 4.50 2.42
C GLN B 388 -23.67 4.64 1.07
N GLY B 389 -23.04 4.14 0.01
CA GLY B 389 -23.66 4.15 -1.29
C GLY B 389 -24.94 3.35 -1.34
N LEU B 390 -24.94 2.17 -0.73
CA LEU B 390 -26.15 1.35 -0.72
C LEU B 390 -27.27 2.02 0.07
N LEU B 391 -26.96 2.64 1.20
CA LEU B 391 -27.97 3.35 1.97
C LEU B 391 -28.53 4.53 1.17
N TYR B 392 -27.65 5.27 0.49
CA TYR B 392 -28.12 6.36 -0.35
C TYR B 392 -28.99 5.85 -1.49
N LEU B 393 -28.63 4.71 -2.07
CA LEU B 393 -29.42 4.15 -3.17
C LEU B 393 -30.79 3.69 -2.68
N GLY B 394 -30.86 3.09 -1.49
CA GLY B 394 -32.14 2.75 -0.92
C GLY B 394 -32.99 3.97 -0.61
N LEU B 395 -32.35 5.03 -0.12
CA LEU B 395 -33.08 6.28 0.10
C LEU B 395 -33.61 6.83 -1.21
N PHE B 396 -32.81 6.73 -2.28
CA PHE B 396 -33.28 7.12 -3.60
C PHE B 396 -34.49 6.31 -4.03
N SER B 397 -34.45 4.99 -3.82
CA SER B 397 -35.57 4.16 -4.21
C SER B 397 -36.82 4.53 -3.43
N PHE B 398 -36.69 4.75 -2.13
CA PHE B 398 -37.84 5.14 -1.32
C PHE B 398 -38.40 6.49 -1.76
N LEU B 399 -37.50 7.46 -2.03
CA LEU B 399 -37.94 8.77 -2.47
C LEU B 399 -38.63 8.69 -3.83
N ALA B 400 -38.11 7.87 -4.73
CA ALA B 400 -38.74 7.70 -6.04
C ALA B 400 -40.12 7.08 -5.89
N ALA B 401 -40.26 6.07 -5.04
CA ALA B 401 -41.56 5.48 -4.82
C ALA B 401 -42.55 6.50 -4.25
N LEU B 402 -42.09 7.30 -3.27
CA LEU B 402 -42.96 8.31 -2.67
C LEU B 402 -43.38 9.36 -3.69
N ALA B 403 -42.43 9.84 -4.51
CA ALA B 403 -42.74 10.85 -5.50
C ALA B 403 -43.68 10.32 -6.57
N PHE B 404 -43.47 9.07 -7.01
CA PHE B 404 -44.36 8.47 -7.98
C PHE B 404 -45.76 8.29 -7.42
N SER B 405 -45.86 7.87 -6.15
CA SER B 405 -47.17 7.76 -5.51
C SER B 405 -47.87 9.11 -5.42
N THR B 406 -47.13 10.15 -5.04
CA THR B 406 -47.72 11.49 -4.96
C THR B 406 -48.18 11.96 -6.33
N MET B 407 -47.38 11.72 -7.38
CA MET B 407 -47.76 12.09 -8.73
C MET B 407 -49.03 11.34 -9.15
N ILE B 408 -49.09 10.03 -8.88
CA ILE B 408 -50.28 9.25 -9.21
C ILE B 408 -51.50 9.80 -8.47
N CYS B 409 -51.31 10.24 -7.23
CA CYS B 409 -52.43 10.80 -6.45
C CYS B 409 -53.06 11.99 -7.15
N ALA B 410 -52.29 12.72 -7.96
CA ALA B 410 -52.84 13.82 -8.74
C ALA B 410 -53.49 13.36 -10.05
N GLY B 411 -53.44 12.07 -10.35
CA GLY B 411 -54.01 11.53 -11.55
C GLY B 411 -55.51 11.75 -11.72
N PRO B 412 -56.32 11.46 -10.69
CA PRO B 412 -57.77 11.66 -10.84
C PRO B 412 -58.14 13.10 -11.17
N ARG B 413 -57.44 14.07 -10.61
CA ARG B 413 -57.70 15.48 -10.95
C ARG B 413 -56.98 15.92 -12.21
N ALA B 414 -56.07 15.09 -12.76
CA ALA B 414 -55.46 15.42 -14.04
C ALA B 414 -56.46 15.23 -15.18
N TRP B 415 -57.43 14.33 -15.00
CA TRP B 415 -58.45 14.09 -16.01
C TRP B 415 -59.62 15.04 -15.78
N LYS B 416 -59.99 15.77 -16.83
CA LYS B 416 -61.07 16.77 -16.87
C LYS B 416 -60.70 18.06 -16.13
N HIS B 417 -59.57 18.11 -15.45
CA HIS B 417 -59.14 19.33 -14.77
C HIS B 417 -57.66 19.58 -15.00
N GLN C 2 45.84 -9.56 13.23
CA GLN C 2 46.66 -9.86 14.39
C GLN C 2 46.44 -11.33 14.76
N VAL C 3 47.48 -12.14 14.51
CA VAL C 3 47.47 -13.57 14.81
C VAL C 3 48.87 -14.11 14.64
N GLN C 4 49.18 -15.17 15.40
CA GLN C 4 50.48 -15.83 15.33
C GLN C 4 50.29 -17.33 15.41
N LEU C 5 51.25 -18.07 14.86
CA LEU C 5 51.19 -19.52 14.76
C LEU C 5 52.45 -20.13 15.33
N VAL C 6 52.28 -21.10 16.22
CA VAL C 6 53.40 -21.81 16.84
C VAL C 6 53.18 -23.30 16.60
N GLU C 7 54.16 -23.95 15.96
CA GLU C 7 54.13 -25.37 15.68
C GLU C 7 55.13 -26.12 16.55
N SER C 8 54.68 -27.22 17.14
CA SER C 8 55.50 -27.97 18.08
C SER C 8 55.28 -29.46 17.85
N GLY C 9 56.21 -30.25 18.39
CA GLY C 9 56.15 -31.69 18.32
C GLY C 9 56.98 -32.32 17.23
N GLY C 10 57.53 -31.52 16.32
CA GLY C 10 58.32 -32.08 15.24
C GLY C 10 59.61 -32.70 15.72
N GLY C 11 60.06 -33.71 15.00
CA GLY C 11 61.29 -34.38 15.37
C GLY C 11 61.61 -35.50 14.39
N LEU C 12 62.67 -36.23 14.70
CA LEU C 12 63.14 -37.33 13.87
C LEU C 12 62.58 -38.64 14.42
N VAL C 13 61.89 -39.39 13.57
CA VAL C 13 61.20 -40.61 13.99
C VAL C 13 61.52 -41.74 13.02
N GLN C 14 61.24 -42.96 13.47
CA GLN C 14 61.46 -44.16 12.69
C GLN C 14 60.14 -44.65 12.08
N ALA C 15 60.27 -45.43 10.99
CA ALA C 15 59.12 -45.70 10.13
C ALA C 15 58.08 -46.57 10.82
N GLY C 16 56.87 -46.03 10.93
CA GLY C 16 55.77 -46.73 11.57
C GLY C 16 55.51 -46.36 13.01
N GLY C 17 56.10 -45.28 13.51
CA GLY C 17 55.88 -44.87 14.87
C GLY C 17 54.63 -44.03 15.04
N SER C 18 54.61 -43.26 16.13
CA SER C 18 53.50 -42.37 16.45
C SER C 18 54.06 -41.06 17.01
N LEU C 19 53.36 -39.97 16.69
CA LEU C 19 53.74 -38.64 17.16
C LEU C 19 52.53 -37.73 17.03
N ARG C 20 52.55 -36.62 17.77
CA ARG C 20 51.47 -35.63 17.68
C ARG C 20 52.06 -34.23 17.52
N LEU C 21 51.59 -33.51 16.51
CA LEU C 21 51.98 -32.12 16.31
C LEU C 21 50.90 -31.18 16.85
N SER C 22 51.34 -30.14 17.54
CA SER C 22 50.46 -29.13 18.09
C SER C 22 50.75 -27.79 17.42
N CYS C 23 49.72 -27.18 16.85
CA CYS C 23 49.85 -25.90 16.15
C CYS C 23 49.11 -24.85 16.98
N THR C 24 49.85 -24.13 17.81
CA THR C 24 49.24 -23.20 18.76
C THR C 24 48.65 -22.00 18.04
N ALA C 25 47.60 -21.43 18.62
CA ALA C 25 46.88 -20.30 18.06
C ALA C 25 46.71 -19.22 19.11
N SER C 26 46.74 -17.96 18.69
CA SER C 26 46.62 -16.82 19.59
C SER C 26 45.55 -15.83 19.17
N GLY C 27 45.29 -15.71 17.87
CA GLY C 27 44.34 -14.72 17.40
C GLY C 27 43.04 -15.28 16.86
N PHE C 28 43.08 -16.50 16.34
CA PHE C 28 41.85 -17.19 15.97
C PHE C 28 41.64 -18.37 16.89
N PRO C 29 40.41 -18.61 17.36
CA PRO C 29 40.16 -19.79 18.19
C PRO C 29 40.24 -21.05 17.35
N VAL C 30 40.85 -22.09 17.92
CA VAL C 30 41.12 -23.31 17.18
C VAL C 30 39.80 -24.02 16.85
N ALA C 31 39.66 -24.43 15.59
CA ALA C 31 38.46 -25.12 15.10
C ALA C 31 37.21 -24.35 15.52
N PHE C 32 37.23 -23.05 15.30
CA PHE C 32 36.12 -22.18 15.62
C PHE C 32 35.74 -21.25 14.48
N ALA C 33 36.69 -20.89 13.62
CA ALA C 33 36.39 -20.16 12.39
C ALA C 33 36.73 -21.03 11.19
N GLN C 34 37.97 -21.50 11.13
CA GLN C 34 38.43 -22.36 10.04
C GLN C 34 39.83 -22.84 10.40
N MET C 35 40.12 -24.10 10.07
CA MET C 35 41.44 -24.64 10.35
C MET C 35 41.89 -25.52 9.20
N LYS C 36 43.21 -25.61 9.03
CA LYS C 36 43.81 -26.17 7.84
C LYS C 36 45.24 -26.60 8.16
N TRP C 37 45.67 -27.71 7.57
CA TRP C 37 47.01 -28.24 7.81
C TRP C 37 47.70 -28.52 6.49
N TYR C 38 48.92 -27.97 6.33
CA TYR C 38 49.67 -28.08 5.09
C TYR C 38 51.08 -28.59 5.36
N ARG C 39 51.69 -29.11 4.30
CA ARG C 39 53.05 -29.62 4.33
C ARG C 39 53.79 -29.16 3.07
N GLN C 40 55.11 -29.26 3.12
CA GLN C 40 55.94 -28.93 1.96
C GLN C 40 57.29 -29.60 2.08
N ALA C 41 57.70 -30.31 1.03
CA ALA C 41 59.04 -30.85 0.92
C ALA C 41 60.01 -29.77 0.44
N PRO C 42 61.33 -29.96 0.63
CA PRO C 42 62.30 -28.95 0.16
C PRO C 42 62.10 -28.55 -1.29
N GLY C 43 62.23 -29.50 -2.20
CA GLY C 43 61.83 -29.25 -3.58
C GLY C 43 60.47 -29.85 -3.87
N LYS C 44 59.43 -29.01 -3.83
CA LYS C 44 58.04 -29.44 -3.99
C LYS C 44 57.16 -28.21 -3.88
N GLU C 45 55.87 -28.42 -4.14
CA GLU C 45 54.85 -27.42 -3.86
C GLU C 45 54.13 -27.79 -2.56
N ARG C 46 53.79 -26.76 -1.79
CA ARG C 46 53.08 -26.94 -0.53
C ARG C 46 51.75 -27.67 -0.79
N GLU C 47 51.49 -28.72 -0.02
CA GLU C 47 50.38 -29.63 -0.28
C GLU C 47 49.49 -29.79 0.95
N TRP C 48 48.20 -29.94 0.69
CA TRP C 48 47.22 -30.12 1.75
C TRP C 48 47.25 -31.56 2.25
N VAL C 49 47.03 -31.74 3.55
CA VAL C 49 47.00 -33.05 4.19
C VAL C 49 45.69 -33.27 4.95
N ALA C 50 45.24 -32.28 5.71
CA ALA C 50 44.06 -32.43 6.54
C ALA C 50 43.47 -31.06 6.83
N ALA C 51 42.21 -31.07 7.27
CA ALA C 51 41.51 -29.83 7.58
C ALA C 51 40.40 -30.11 8.58
N ILE C 52 39.96 -29.05 9.26
CA ILE C 52 38.84 -29.08 10.19
C ILE C 52 37.84 -28.03 9.75
N TRP C 53 36.56 -28.38 9.72
CA TRP C 53 35.52 -27.39 9.56
C TRP C 53 35.11 -26.85 10.92
N SER C 54 34.71 -25.58 10.93
CA SER C 54 34.61 -24.78 12.15
C SER C 54 33.79 -25.44 13.27
N MET C 55 32.49 -25.65 13.07
CA MET C 55 31.63 -26.04 14.17
C MET C 55 31.43 -27.54 14.31
N GLY C 56 31.13 -28.25 13.23
CA GLY C 56 30.68 -29.62 13.30
C GLY C 56 31.74 -30.67 13.46
N ASN C 57 33.02 -30.27 13.60
CA ASN C 57 34.13 -31.19 13.81
C ASN C 57 34.30 -32.17 12.64
N GLU C 58 33.74 -31.83 11.49
CA GLU C 58 33.91 -32.69 10.31
C GLU C 58 35.31 -32.52 9.76
N THR C 59 36.02 -33.64 9.59
CA THR C 59 37.39 -33.63 9.11
C THR C 59 37.51 -34.48 7.86
N THR C 60 38.37 -34.06 6.94
CA THR C 60 38.64 -34.79 5.72
C THR C 60 40.15 -34.92 5.52
N TYR C 61 40.56 -35.98 4.83
CA TYR C 61 41.95 -36.28 4.62
C TYR C 61 42.17 -36.63 3.15
N ALA C 62 43.38 -36.37 2.66
CA ALA C 62 43.69 -36.67 1.27
C ALA C 62 43.82 -38.17 1.07
N ASP C 63 43.81 -38.60 -0.20
CA ASP C 63 43.80 -40.02 -0.52
C ASP C 63 45.02 -40.74 0.03
N SER C 64 46.21 -40.15 -0.11
CA SER C 64 47.44 -40.84 0.30
C SER C 64 47.62 -40.89 1.81
N VAL C 65 46.81 -40.15 2.56
CA VAL C 65 47.00 -40.00 3.99
C VAL C 65 45.81 -40.52 4.80
N LYS C 66 44.79 -41.04 4.12
CA LYS C 66 43.57 -41.46 4.78
C LYS C 66 43.81 -42.67 5.68
N GLY C 67 43.15 -42.67 6.84
CA GLY C 67 43.17 -43.81 7.75
C GLY C 67 44.41 -43.92 8.60
N ARG C 68 45.35 -42.98 8.48
CA ARG C 68 46.62 -43.05 9.21
C ARG C 68 46.82 -41.89 10.16
N PHE C 69 46.39 -40.68 9.81
CA PHE C 69 46.45 -39.53 10.69
C PHE C 69 45.06 -39.09 11.12
N THR C 70 44.97 -38.66 12.38
CA THR C 70 43.74 -38.11 12.94
C THR C 70 44.08 -36.72 13.49
N ILE C 71 43.29 -35.72 13.13
CA ILE C 71 43.52 -34.35 13.56
C ILE C 71 42.35 -33.92 14.42
N SER C 72 42.66 -33.31 15.57
CA SER C 72 41.69 -33.12 16.64
C SER C 72 41.46 -31.65 16.94
N ARG C 73 40.60 -31.41 17.93
CA ARG C 73 40.18 -30.09 18.38
C ARG C 73 40.33 -30.02 19.89
N ASP C 74 41.42 -29.39 20.36
CA ASP C 74 41.63 -29.21 21.80
C ASP C 74 41.29 -27.76 22.13
N ASN C 75 40.03 -27.54 22.52
CA ASN C 75 39.60 -26.20 22.91
C ASN C 75 40.10 -25.82 24.30
N ALA C 76 40.48 -26.81 25.12
CA ALA C 76 40.87 -26.51 26.50
C ALA C 76 42.12 -25.65 26.56
N LYS C 77 43.12 -25.95 25.73
CA LYS C 77 44.39 -25.23 25.75
C LYS C 77 44.64 -24.44 24.48
N ASN C 78 43.60 -24.22 23.66
CA ASN C 78 43.70 -23.40 22.46
C ASN C 78 44.77 -23.95 21.52
N THR C 79 44.59 -25.21 21.09
CA THR C 79 45.57 -25.90 20.26
C THR C 79 44.88 -26.93 19.38
N VAL C 80 45.45 -27.18 18.20
CA VAL C 80 45.01 -28.24 17.31
C VAL C 80 46.09 -29.32 17.30
N TYR C 81 45.66 -30.58 17.42
CA TYR C 81 46.57 -31.71 17.38
C TYR C 81 46.42 -32.47 16.06
N LEU C 82 47.54 -33.04 15.61
CA LEU C 82 47.57 -34.00 14.52
C LEU C 82 48.17 -35.28 15.08
N GLN C 83 47.39 -36.36 15.05
CA GLN C 83 47.88 -37.65 15.52
C GLN C 83 48.35 -38.48 14.34
N MET C 84 49.67 -38.53 14.12
CA MET C 84 50.24 -39.33 13.04
C MET C 84 50.54 -40.74 13.55
N ASN C 85 49.94 -41.72 12.86
CA ASN C 85 50.15 -43.13 13.14
C ASN C 85 50.52 -43.85 11.86
N SER C 86 51.33 -44.91 11.98
CA SER C 86 51.80 -45.70 10.85
C SER C 86 52.55 -44.82 9.84
N LEU C 87 53.68 -44.28 10.31
CA LEU C 87 54.47 -43.37 9.50
C LEU C 87 55.27 -44.15 8.45
N LYS C 88 55.43 -43.53 7.29
CA LYS C 88 56.21 -44.09 6.19
C LYS C 88 57.24 -43.07 5.73
N PRO C 89 58.31 -43.50 5.07
CA PRO C 89 59.45 -42.57 4.85
C PRO C 89 59.11 -41.33 4.04
N GLU C 90 58.19 -41.41 3.07
CA GLU C 90 57.87 -40.20 2.32
C GLU C 90 57.02 -39.22 3.12
N ASP C 91 56.65 -39.56 4.35
CA ASP C 91 56.04 -38.59 5.25
C ASP C 91 57.06 -37.59 5.81
N THR C 92 58.32 -37.68 5.38
CA THR C 92 59.33 -36.71 5.79
C THR C 92 59.14 -35.41 5.02
N ALA C 93 58.71 -34.37 5.73
CA ALA C 93 58.52 -33.05 5.13
C ALA C 93 58.31 -32.05 6.27
N VAL C 94 58.31 -30.77 5.91
CA VAL C 94 58.06 -29.70 6.87
C VAL C 94 56.55 -29.50 6.95
N TYR C 95 55.99 -29.60 8.14
CA TYR C 95 54.55 -29.51 8.34
C TYR C 95 54.14 -28.13 8.84
N TYR C 96 52.94 -27.73 8.47
CA TYR C 96 52.41 -26.41 8.81
C TYR C 96 50.92 -26.56 9.12
N CYS C 97 50.35 -25.54 9.78
CA CYS C 97 48.90 -25.39 9.78
C CYS C 97 48.60 -24.00 9.25
N ALA C 98 47.40 -23.83 8.69
CA ALA C 98 47.03 -22.56 8.06
C ALA C 98 45.55 -22.32 8.30
N VAL C 99 45.09 -21.13 7.91
CA VAL C 99 43.68 -20.77 7.96
C VAL C 99 43.34 -20.03 6.67
N GLU C 100 42.05 -19.93 6.39
CA GLU C 100 41.55 -19.25 5.20
C GLU C 100 40.46 -18.25 5.57
N VAL C 101 40.66 -17.55 6.68
CA VAL C 101 39.64 -16.63 7.19
C VAL C 101 39.97 -15.17 6.91
N GLY C 102 41.24 -14.78 6.94
CA GLY C 102 41.61 -13.39 6.83
C GLY C 102 42.12 -12.78 8.12
N TYR C 103 42.00 -13.48 9.25
CA TYR C 103 42.67 -13.05 10.48
C TYR C 103 44.17 -13.02 10.30
N GLY C 104 44.69 -13.87 9.40
CA GLY C 104 46.09 -13.96 9.09
C GLY C 104 46.29 -15.12 8.13
N TYR C 105 47.45 -15.76 8.17
CA TYR C 105 47.77 -16.83 7.25
C TYR C 105 48.62 -17.91 7.92
N HIS C 106 49.24 -18.76 7.11
CA HIS C 106 50.18 -19.76 7.58
C HIS C 106 51.25 -19.11 8.45
N GLY C 107 51.68 -19.84 9.48
CA GLY C 107 52.74 -19.39 10.36
C GLY C 107 54.09 -19.93 9.97
N GLN C 108 54.60 -20.91 10.72
CA GLN C 108 55.95 -21.41 10.49
C GLN C 108 55.87 -22.94 10.42
N GLY C 109 57.03 -23.59 10.44
CA GLY C 109 57.12 -25.02 10.19
C GLY C 109 57.50 -25.85 11.40
N THR C 110 57.12 -27.13 11.35
CA THR C 110 57.51 -28.13 12.35
C THR C 110 58.07 -29.34 11.56
N GLN C 111 59.39 -29.50 11.60
CA GLN C 111 60.04 -30.51 10.80
C GLN C 111 59.74 -31.91 11.34
N VAL C 112 59.23 -32.77 10.47
CA VAL C 112 58.98 -34.17 10.78
C VAL C 112 59.68 -35.02 9.73
N THR C 113 60.60 -35.88 10.18
CA THR C 113 61.35 -36.76 9.28
C THR C 113 61.12 -38.20 9.70
N VAL C 114 60.91 -39.07 8.72
CA VAL C 114 60.68 -40.49 8.96
C VAL C 114 61.83 -41.27 8.35
N SER C 115 62.48 -42.10 9.17
CA SER C 115 63.63 -42.87 8.71
C SER C 115 63.34 -44.37 8.78
#